data_6ZEI
#
_entry.id   6ZEI
#
_cell.length_a   48.795
_cell.length_b   122.329
_cell.length_c   69.424
_cell.angle_alpha   90.000
_cell.angle_beta   92.266
_cell.angle_gamma   90.000
#
_symmetry.space_group_name_H-M   'P 1 21 1'
#
loop_
_entity.id
_entity.type
_entity.pdbx_description
1 polymer 'Serine/threonine-protein phosphatase PP1-alpha catalytic subunit,Brain-specific angiogenesis inhibitor 1-associated protein 2'
2 polymer 'Phosphatase and actin regulator'
3 non-polymer 'MANGANESE (II) ION'
4 non-polymer GLYCEROL
5 non-polymer 'PHOSPHATE ION'
6 water water
#
loop_
_entity_poly.entity_id
_entity_poly.type
_entity_poly.pdbx_seq_one_letter_code
_entity_poly.pdbx_strand_id
1 'polypeptide(L)'
;GHMGSLNLDSIIGRLLEVQGSRPGKNVQLTENEIRGLCLKSREIFLSQPILLELEAPLKICGDIHGQYYDLLRLFEYGGF
PPESNYLFLGDYVDRGKQSLETICLLLAYKIKYPENFFLLRGNHECASINRIYGFYDECKRRYNIKLWKTFTDCFNCLPI
AAIVDEKIFCCHGGLSPDLQSMEQIRRIMRPTDVPDQGLLCDLLWSDPDKDVQGWGENDRGVSFTFGAEVVAKFLHKHDL
DLICRAHQVVEDGYEFFAKRQLVTLFSAPNYCGEFDNAGAMMSVDETLMCSFQILKPADKNKGSGSGSGSGSGSGSGSGS
GQQGKSSETGNLLDKDDL
;
A,B
2 'polypeptide(L)' GPLGSRKILIRFSDYVEVADAQDYDRRADKPWTRLTAADKAAIRKELNEFKSTEMEVHELSRHLTRFHRP C,D
#
loop_
_chem_comp.id
_chem_comp.type
_chem_comp.name
_chem_comp.formula
GOL non-polymer GLYCEROL 'C3 H8 O3'
MN non-polymer 'MANGANESE (II) ION' 'Mn 2'
PO4 non-polymer 'PHOSPHATE ION' 'O4 P -3'
#
# COMPACT_ATOMS: atom_id res chain seq x y z
N LEU A 6 28.83 -9.58 13.30
CA LEU A 6 27.63 -8.91 13.77
C LEU A 6 26.45 -9.87 13.71
N ASN A 7 25.81 -10.08 14.87
CA ASN A 7 24.63 -10.92 15.04
C ASN A 7 23.36 -10.12 14.74
N LEU A 8 23.24 -9.81 13.46
CA LEU A 8 22.21 -8.89 12.99
C LEU A 8 20.80 -9.42 13.20
N ASP A 9 20.53 -10.68 12.88
CA ASP A 9 19.18 -11.21 13.02
C ASP A 9 18.73 -11.25 14.47
N SER A 10 19.67 -11.55 15.38
CA SER A 10 19.31 -11.55 16.79
C SER A 10 18.95 -10.14 17.24
N ILE A 11 19.73 -9.17 16.79
CA ILE A 11 19.51 -7.78 17.18
C ILE A 11 18.12 -7.32 16.74
N ILE A 12 17.78 -7.60 15.48
CA ILE A 12 16.48 -7.19 14.93
C ILE A 12 15.35 -7.87 15.71
N GLY A 13 15.47 -9.18 15.96
CA GLY A 13 14.43 -9.87 16.70
C GLY A 13 14.21 -9.27 18.08
N ARG A 14 15.29 -8.91 18.76
CA ARG A 14 15.16 -8.33 20.10
C ARG A 14 14.56 -6.94 20.04
N LEU A 15 14.93 -6.15 19.03
CA LEU A 15 14.33 -4.84 18.86
C LEU A 15 12.83 -4.96 18.61
N LEU A 16 12.40 -5.96 17.82
CA LEU A 16 10.99 -6.06 17.46
C LEU A 16 10.16 -6.72 18.56
N GLU A 17 10.81 -7.45 19.48
CA GLU A 17 10.11 -8.24 20.49
C GLU A 17 9.25 -7.39 21.40
N VAL A 18 9.63 -6.13 21.62
CA VAL A 18 8.87 -5.27 22.53
C VAL A 18 7.60 -4.74 21.92
N GLN A 19 7.31 -5.10 20.67
CA GLN A 19 6.09 -4.65 20.03
C GLN A 19 4.88 -4.91 20.89
N GLY A 20 4.79 -6.12 21.45
CA GLY A 20 3.64 -6.45 22.26
C GLY A 20 3.70 -5.96 23.67
N SER A 21 4.72 -5.19 24.02
CA SER A 21 4.99 -4.83 25.39
C SER A 21 4.47 -3.43 25.69
N ARG A 22 4.52 -3.08 26.97
CA ARG A 22 4.12 -1.75 27.37
C ARG A 22 5.00 -0.73 26.66
N PRO A 23 4.44 0.39 26.24
CA PRO A 23 5.29 1.41 25.60
C PRO A 23 6.41 1.81 26.53
N GLY A 24 7.57 2.08 25.96
CA GLY A 24 8.71 2.49 26.74
C GLY A 24 9.63 1.38 27.22
N LYS A 25 9.28 0.11 26.98
CA LYS A 25 10.20 -0.95 27.35
C LYS A 25 11.47 -0.83 26.52
N ASN A 26 12.61 -0.85 27.18
CA ASN A 26 13.88 -0.73 26.50
C ASN A 26 14.34 -2.09 25.95
N VAL A 27 15.21 -2.01 24.95
CA VAL A 27 15.83 -3.19 24.37
C VAL A 27 17.27 -3.25 24.83
N GLN A 28 17.67 -4.41 25.36
CA GLN A 28 18.96 -4.57 26.02
C GLN A 28 20.07 -5.01 25.07
N LEU A 29 20.43 -4.15 24.12
CA LEU A 29 21.54 -4.47 23.23
C LEU A 29 22.86 -4.26 23.98
N THR A 30 23.90 -4.97 23.57
CA THR A 30 25.21 -4.74 24.17
C THR A 30 25.90 -3.56 23.48
N GLU A 31 26.86 -2.97 24.19
CA GLU A 31 27.69 -1.92 23.61
C GLU A 31 28.29 -2.38 22.29
N ASN A 32 28.84 -3.60 22.27
CA ASN A 32 29.49 -4.08 21.05
C ASN A 32 28.50 -4.30 19.92
N GLU A 33 27.28 -4.73 20.23
CA GLU A 33 26.27 -4.83 19.19
C GLU A 33 25.97 -3.47 18.56
N ILE A 34 25.83 -2.44 19.39
CA ILE A 34 25.49 -1.12 18.88
C ILE A 34 26.66 -0.58 18.07
N ARG A 35 27.89 -0.77 18.57
CA ARG A 35 29.06 -0.36 17.81
CA ARG A 35 29.06 -0.36 17.81
C ARG A 35 29.09 -1.01 16.43
N GLY A 36 28.74 -2.30 16.38
CA GLY A 36 28.72 -2.98 15.11
C GLY A 36 27.70 -2.42 14.15
N LEU A 37 26.50 -2.11 14.66
CA LEU A 37 25.49 -1.47 13.82
C LEU A 37 26.03 -0.17 13.25
N CYS A 38 26.69 0.63 14.09
CA CYS A 38 27.26 1.89 13.62
C CYS A 38 28.32 1.67 12.55
N LEU A 39 29.25 0.76 12.80
CA LEU A 39 30.38 0.60 11.89
C LEU A 39 29.95 -0.03 10.56
N LYS A 40 29.08 -1.04 10.59
CA LYS A 40 28.65 -1.69 9.35
C LYS A 40 27.75 -0.76 8.55
N SER A 41 26.84 -0.04 9.19
CA SER A 41 26.00 0.88 8.44
C SER A 41 26.82 2.01 7.86
N ARG A 42 27.81 2.51 8.60
CA ARG A 42 28.68 3.58 8.10
C ARG A 42 29.35 3.16 6.80
N GLU A 43 29.87 1.94 6.76
CA GLU A 43 30.50 1.43 5.55
C GLU A 43 29.52 1.41 4.39
N ILE A 44 28.27 1.00 4.64
CA ILE A 44 27.29 0.96 3.57
C ILE A 44 26.93 2.37 3.13
N PHE A 45 26.74 3.30 4.07
CA PHE A 45 26.48 4.67 3.66
C PHE A 45 27.58 5.19 2.75
N LEU A 46 28.85 4.91 3.09
CA LEU A 46 29.94 5.45 2.28
C LEU A 46 30.01 4.79 0.92
N SER A 47 29.54 3.54 0.80
CA SER A 47 29.53 2.81 -0.46
C SER A 47 28.41 3.24 -1.41
N GLN A 48 27.41 3.95 -0.93
CA GLN A 48 26.30 4.45 -1.72
C GLN A 48 26.44 5.96 -1.89
N PRO A 49 25.83 6.53 -2.93
CA PRO A 49 25.99 7.95 -3.18
C PRO A 49 25.45 8.81 -2.06
N ILE A 50 26.01 10.03 -1.96
CA ILE A 50 25.53 11.03 -1.01
C ILE A 50 24.24 11.65 -1.49
N LEU A 51 24.01 11.66 -2.80
CA LEU A 51 22.73 12.01 -3.42
C LEU A 51 22.15 10.71 -3.97
N LEU A 52 21.23 10.12 -3.23
CA LEU A 52 20.67 8.83 -3.62
C LEU A 52 19.77 8.98 -4.84
N GLU A 53 19.79 7.99 -5.71
CA GLU A 53 18.91 7.92 -6.87
C GLU A 53 18.07 6.66 -6.68
N LEU A 54 16.81 6.86 -6.34
CA LEU A 54 15.94 5.78 -5.91
C LEU A 54 14.78 5.63 -6.87
N GLU A 55 14.13 4.47 -6.80
CA GLU A 55 13.00 4.14 -7.64
C GLU A 55 11.81 3.71 -6.79
N ALA A 56 10.64 4.20 -7.16
CA ALA A 56 9.41 3.71 -6.58
C ALA A 56 9.21 2.25 -6.98
N PRO A 57 8.49 1.48 -6.16
CA PRO A 57 7.71 1.90 -5.00
C PRO A 57 8.53 2.10 -3.72
N LEU A 58 8.11 3.07 -2.92
CA LEU A 58 8.85 3.49 -1.74
C LEU A 58 7.83 4.14 -0.82
N LYS A 59 8.04 3.96 0.48
CA LYS A 59 7.36 4.76 1.51
C LYS A 59 8.37 5.74 2.10
N ILE A 60 7.98 7.00 2.19
CA ILE A 60 8.87 8.08 2.64
C ILE A 60 8.33 8.61 3.97
N CYS A 61 9.21 8.73 4.96
CA CYS A 61 8.83 9.09 6.32
C CYS A 61 9.66 10.27 6.80
N GLY A 62 9.03 11.12 7.62
CA GLY A 62 9.65 12.26 8.26
C GLY A 62 10.07 11.96 9.68
N ASP A 63 10.14 13.01 10.49
CA ASP A 63 10.88 12.94 11.74
C ASP A 63 10.30 11.88 12.68
N ILE A 64 11.17 11.24 13.46
CA ILE A 64 10.79 10.23 14.45
C ILE A 64 11.16 10.65 15.87
N HIS A 65 12.33 11.27 16.06
CA HIS A 65 12.71 11.83 17.36
C HIS A 65 12.56 10.85 18.52
N GLY A 66 13.11 9.64 18.34
CA GLY A 66 13.20 8.73 19.47
C GLY A 66 11.88 8.18 19.95
N GLN A 67 10.82 8.35 19.17
CA GLN A 67 9.51 7.81 19.53
C GLN A 67 9.41 6.38 19.02
N TYR A 68 10.19 5.51 19.67
CA TYR A 68 10.40 4.15 19.19
C TYR A 68 9.09 3.38 19.06
N TYR A 69 8.18 3.51 20.01
CA TYR A 69 6.94 2.75 19.90
C TYR A 69 6.10 3.22 18.74
N ASP A 70 6.22 4.48 18.36
CA ASP A 70 5.56 4.99 17.16
C ASP A 70 6.25 4.51 15.91
N LEU A 71 7.57 4.33 15.93
CA LEU A 71 8.26 3.75 14.78
C LEU A 71 7.79 2.33 14.56
N LEU A 72 7.68 1.54 15.62
CA LEU A 72 7.16 0.19 15.49
C LEU A 72 5.76 0.20 14.91
N ARG A 73 4.91 1.12 15.39
CA ARG A 73 3.55 1.21 14.86
C ARG A 73 3.56 1.59 13.39
N LEU A 74 4.46 2.51 13.00
CA LEU A 74 4.56 2.92 11.61
C LEU A 74 4.94 1.75 10.71
N PHE A 75 5.88 0.91 11.12
CA PHE A 75 6.23 -0.27 10.34
C PHE A 75 5.09 -1.27 10.33
N GLU A 76 4.39 -1.44 11.45
CA GLU A 76 3.25 -2.35 11.44
C GLU A 76 2.21 -1.88 10.43
N TYR A 77 1.97 -0.57 10.40
CA TYR A 77 0.96 0.04 9.52
CA TYR A 77 0.93 -0.07 9.52
C TYR A 77 1.39 -0.01 8.06
N GLY A 78 2.64 0.37 7.80
CA GLY A 78 3.12 0.42 6.43
C GLY A 78 3.61 -0.89 5.87
N GLY A 79 4.03 -1.82 6.73
CA GLY A 79 4.66 -3.05 6.30
C GLY A 79 6.09 -3.10 6.78
N PHE A 80 6.45 -4.13 7.52
CA PHE A 80 7.81 -4.20 8.03
C PHE A 80 8.76 -4.49 6.87
N PRO A 81 9.94 -3.88 6.85
CA PRO A 81 10.94 -4.24 5.86
C PRO A 81 11.14 -5.75 5.83
N PRO A 82 11.29 -6.35 4.66
CA PRO A 82 11.41 -5.72 3.34
C PRO A 82 10.10 -5.73 2.58
N GLU A 83 8.95 -5.84 3.28
CA GLU A 83 7.68 -5.88 2.58
C GLU A 83 7.43 -4.61 1.79
N SER A 84 7.93 -3.49 2.31
CA SER A 84 7.93 -2.22 1.62
C SER A 84 9.33 -1.67 1.69
N ASN A 85 9.71 -0.91 0.66
CA ASN A 85 10.92 -0.12 0.69
C ASN A 85 10.68 1.19 1.42
N TYR A 86 11.69 1.68 2.10
CA TYR A 86 11.57 2.88 2.91
C TYR A 86 12.68 3.86 2.62
N LEU A 87 12.32 5.15 2.68
CA LEU A 87 13.25 6.27 2.76
C LEU A 87 12.81 7.13 3.94
N PHE A 88 13.71 7.35 4.90
CA PHE A 88 13.50 8.26 6.01
C PHE A 88 14.29 9.55 5.77
N LEU A 89 13.72 10.66 6.24
CA LEU A 89 14.25 11.99 5.95
C LEU A 89 15.05 12.62 7.08
N GLY A 90 15.41 11.85 8.12
CA GLY A 90 16.26 12.34 9.18
C GLY A 90 15.52 12.60 10.48
N ASP A 91 16.27 13.15 11.42
CA ASP A 91 15.76 13.45 12.76
C ASP A 91 15.23 12.19 13.45
N TYR A 92 16.13 11.22 13.58
CA TYR A 92 15.87 9.96 14.24
C TYR A 92 16.01 10.04 15.75
N VAL A 93 16.91 10.90 16.21
CA VAL A 93 17.28 10.99 17.61
C VAL A 93 16.86 12.35 18.16
N ASP A 94 17.02 12.49 19.48
CA ASP A 94 16.73 13.68 20.27
C ASP A 94 15.25 13.85 20.52
N ARG A 95 14.91 14.53 21.62
CA ARG A 95 13.55 15.05 21.90
C ARG A 95 12.49 13.96 21.91
N GLY A 96 12.88 12.75 22.32
CA GLY A 96 12.01 11.64 22.62
C GLY A 96 12.72 10.71 23.59
N LYS A 97 12.01 9.66 24.00
CA LYS A 97 12.46 8.86 25.11
C LYS A 97 13.39 7.72 24.73
N GLN A 98 13.36 7.26 23.49
CA GLN A 98 14.09 6.08 23.09
C GLN A 98 14.78 6.31 21.74
N SER A 99 15.68 7.29 21.72
CA SER A 99 16.51 7.48 20.55
C SER A 99 17.34 6.25 20.20
N LEU A 100 17.84 5.55 21.23
CA LEU A 100 18.75 4.44 20.95
C LEU A 100 18.03 3.32 20.21
N GLU A 101 16.88 2.88 20.72
CA GLU A 101 16.17 1.80 20.05
C GLU A 101 15.79 2.22 18.63
N THR A 102 15.36 3.48 18.48
CA THR A 102 14.95 4.00 17.19
C THR A 102 16.09 3.91 16.19
N ILE A 103 17.25 4.50 16.51
CA ILE A 103 18.33 4.52 15.54
C ILE A 103 18.89 3.11 15.34
N CYS A 104 18.91 2.28 16.38
CA CYS A 104 19.45 0.93 16.21
C CYS A 104 18.59 0.11 15.27
N LEU A 105 17.27 0.23 15.37
CA LEU A 105 16.45 -0.51 14.43
C LEU A 105 16.63 0.00 13.01
N LEU A 106 16.72 1.31 12.82
CA LEU A 106 16.88 1.85 11.48
C LEU A 106 18.24 1.45 10.89
N LEU A 107 19.31 1.50 11.70
CA LEU A 107 20.61 1.05 11.19
C LEU A 107 20.62 -0.44 10.91
N ALA A 108 19.96 -1.23 11.74
CA ALA A 108 19.89 -2.66 11.50
C ALA A 108 19.19 -2.97 10.19
N TYR A 109 18.09 -2.29 9.90
CA TYR A 109 17.42 -2.53 8.64
C TYR A 109 18.24 -2.02 7.45
N LYS A 110 19.00 -0.94 7.61
CA LYS A 110 19.89 -0.54 6.52
C LYS A 110 20.92 -1.63 6.21
N ILE A 111 21.46 -2.27 7.25
CA ILE A 111 22.45 -3.31 7.03
C ILE A 111 21.79 -4.55 6.43
N LYS A 112 20.59 -4.90 6.93
CA LYS A 112 19.91 -6.11 6.46
C LYS A 112 19.40 -5.97 5.04
N TYR A 113 18.84 -4.81 4.71
CA TYR A 113 18.20 -4.57 3.41
C TYR A 113 18.82 -3.35 2.74
N PRO A 114 20.11 -3.40 2.40
CA PRO A 114 20.80 -2.18 2.00
C PRO A 114 20.35 -1.57 0.70
N GLU A 115 19.67 -2.33 -0.16
CA GLU A 115 19.18 -1.81 -1.41
C GLU A 115 17.71 -1.48 -1.37
N ASN A 116 17.06 -1.66 -0.21
CA ASN A 116 15.62 -1.48 -0.07
C ASN A 116 15.25 -0.57 1.08
N PHE A 117 16.23 0.03 1.73
CA PHE A 117 16.01 0.77 2.97
C PHE A 117 17.02 1.89 3.01
N PHE A 118 16.56 3.12 3.18
CA PHE A 118 17.41 4.30 3.04
C PHE A 118 17.10 5.32 4.13
N LEU A 119 18.17 5.95 4.61
CA LEU A 119 18.13 6.95 5.65
C LEU A 119 18.90 8.19 5.20
N LEU A 120 18.25 9.35 5.24
CA LEU A 120 18.95 10.61 5.03
C LEU A 120 19.33 11.24 6.37
N ARG A 121 20.24 12.20 6.29
CA ARG A 121 20.68 12.94 7.45
C ARG A 121 19.74 14.11 7.76
N GLY A 122 19.29 14.21 9.00
CA GLY A 122 18.60 15.39 9.46
C GLY A 122 19.55 16.26 10.28
N ASN A 123 19.05 17.42 10.68
CA ASN A 123 19.89 18.32 11.44
C ASN A 123 20.20 17.80 12.83
N HIS A 124 19.42 16.84 13.36
CA HIS A 124 19.78 16.24 14.63
C HIS A 124 20.82 15.15 14.52
N GLU A 125 21.17 14.72 13.31
CA GLU A 125 22.23 13.74 13.14
C GLU A 125 23.58 14.45 12.98
N CYS A 126 23.86 15.29 13.97
CA CYS A 126 25.17 15.93 14.08
C CYS A 126 25.50 16.20 15.54
N ALA A 127 26.80 16.25 15.80
CA ALA A 127 27.26 16.28 17.17
C ALA A 127 26.75 17.48 17.94
N SER A 128 26.81 18.67 17.34
CA SER A 128 26.50 19.87 18.13
C SER A 128 25.04 19.94 18.53
N ILE A 129 24.16 19.37 17.71
CA ILE A 129 22.73 19.40 18.04
C ILE A 129 22.37 18.28 19.00
N ASN A 130 22.75 17.04 18.69
CA ASN A 130 22.36 15.92 19.53
C ASN A 130 23.19 15.79 20.79
N ARG A 131 24.24 16.63 20.94
CA ARG A 131 24.87 16.79 22.23
C ARG A 131 23.89 17.36 23.24
N ILE A 132 23.00 18.23 22.81
CA ILE A 132 22.20 18.98 23.77
C ILE A 132 20.72 18.59 23.78
N TYR A 133 20.18 18.04 22.69
CA TYR A 133 18.74 17.78 22.64
C TYR A 133 18.35 16.36 23.03
N GLY A 134 19.26 15.61 23.66
CA GLY A 134 18.88 14.43 24.40
C GLY A 134 19.69 13.18 24.10
N PHE A 135 20.21 13.06 22.87
CA PHE A 135 20.83 11.80 22.48
C PHE A 135 22.10 11.53 23.27
N TYR A 136 22.96 12.52 23.42
CA TYR A 136 24.17 12.32 24.23
C TYR A 136 23.82 11.85 25.63
N ASP A 137 22.82 12.48 26.26
CA ASP A 137 22.48 12.10 27.63
C ASP A 137 21.91 10.70 27.68
N GLU A 138 21.13 10.32 26.67
CA GLU A 138 20.59 8.97 26.63
C GLU A 138 21.72 7.96 26.44
N CYS A 139 22.68 8.26 25.58
CA CYS A 139 23.85 7.37 25.42
C CYS A 139 24.62 7.25 26.72
N LYS A 140 24.84 8.37 27.39
CA LYS A 140 25.62 8.33 28.62
C LYS A 140 24.90 7.54 29.69
N ARG A 141 23.56 7.67 29.78
CA ARG A 141 22.84 6.93 30.82
C ARG A 141 22.90 5.44 30.60
N ARG A 142 22.74 5.00 29.36
CA ARG A 142 22.60 3.60 29.06
C ARG A 142 23.91 2.92 28.75
N TYR A 143 24.87 3.64 28.16
CA TYR A 143 26.14 3.09 27.71
C TYR A 143 27.27 4.03 28.15
N ASN A 144 27.86 4.77 27.23
CA ASN A 144 28.91 5.70 27.61
C ASN A 144 29.05 6.74 26.51
N ILE A 145 29.86 7.76 26.80
CA ILE A 145 30.12 8.86 25.87
C ILE A 145 30.82 8.34 24.62
N LYS A 146 31.72 7.37 24.76
CA LYS A 146 32.40 6.84 23.58
C LYS A 146 31.39 6.30 22.56
N LEU A 147 30.28 5.68 23.03
CA LEU A 147 29.29 5.19 22.08
C LEU A 147 28.65 6.35 21.30
N TRP A 148 28.38 7.46 21.96
CA TRP A 148 27.90 8.65 21.26
C TRP A 148 28.88 9.12 20.21
N LYS A 149 30.19 9.07 20.50
CA LYS A 149 31.19 9.43 19.51
C LYS A 149 31.16 8.48 18.31
N THR A 150 30.92 7.20 18.57
CA THR A 150 30.77 6.23 17.48
C THR A 150 29.54 6.53 16.62
N PHE A 151 28.41 6.83 17.25
CA PHE A 151 27.24 7.25 16.49
C PHE A 151 27.55 8.47 15.63
N THR A 152 28.32 9.41 16.17
CA THR A 152 28.61 10.63 15.42
C THR A 152 29.36 10.28 14.14
N ASP A 153 30.33 9.36 14.23
CA ASP A 153 31.07 8.93 13.04
C ASP A 153 30.13 8.34 11.98
N CYS A 154 29.14 7.56 12.41
CA CYS A 154 28.15 6.99 11.50
C CYS A 154 27.28 8.08 10.89
N PHE A 155 26.78 8.99 11.72
CA PHE A 155 25.92 10.06 11.21
C PHE A 155 26.66 10.96 10.23
N ASN A 156 27.96 11.20 10.47
CA ASN A 156 28.76 12.04 9.58
C ASN A 156 28.89 11.44 8.18
N CYS A 157 28.45 10.19 8.01
CA CYS A 157 28.49 9.54 6.70
C CYS A 157 27.12 9.33 6.08
N LEU A 158 26.05 9.81 6.69
CA LEU A 158 24.74 9.62 6.09
C LEU A 158 24.64 10.40 4.78
N PRO A 159 23.88 9.88 3.81
CA PRO A 159 23.57 10.69 2.63
C PRO A 159 22.65 11.86 2.98
N ILE A 160 22.64 12.85 2.09
CA ILE A 160 22.05 14.15 2.37
C ILE A 160 20.77 14.42 1.60
N ALA A 161 20.56 13.80 0.46
CA ALA A 161 19.37 14.03 -0.34
C ALA A 161 19.12 12.80 -1.19
N ALA A 162 17.90 12.70 -1.72
CA ALA A 162 17.55 11.62 -2.62
C ALA A 162 16.66 12.17 -3.71
N ILE A 163 16.75 11.59 -4.89
CA ILE A 163 15.80 11.87 -5.95
C ILE A 163 15.12 10.55 -6.32
N VAL A 164 13.80 10.55 -6.28
CA VAL A 164 12.99 9.37 -6.58
C VAL A 164 12.45 9.49 -8.00
N ASP A 165 12.86 8.56 -8.85
CA ASP A 165 12.37 8.46 -10.22
C ASP A 165 12.55 9.75 -11.01
N GLU A 166 13.64 10.47 -10.73
CA GLU A 166 13.98 11.70 -11.45
C GLU A 166 12.93 12.79 -11.25
N LYS A 167 12.05 12.64 -10.24
CA LYS A 167 10.93 13.57 -10.11
C LYS A 167 10.65 14.07 -8.69
N ILE A 168 11.05 13.38 -7.64
CA ILE A 168 10.81 13.85 -6.27
C ILE A 168 12.16 14.08 -5.62
N PHE A 169 12.45 15.32 -5.27
CA PHE A 169 13.68 15.69 -4.58
C PHE A 169 13.40 15.70 -3.09
N CYS A 170 14.21 14.96 -2.33
CA CYS A 170 13.97 14.69 -0.92
C CYS A 170 15.16 15.14 -0.10
N CYS A 171 14.89 15.84 0.99
CA CYS A 171 15.91 16.20 1.97
C CYS A 171 15.18 16.57 3.25
N HIS A 172 15.95 16.74 4.32
CA HIS A 172 15.34 16.97 5.62
C HIS A 172 14.72 18.37 5.71
N GLY A 173 15.53 19.37 5.40
CA GLY A 173 15.17 20.75 5.57
C GLY A 173 14.59 21.33 4.31
N GLY A 174 15.42 21.82 3.41
CA GLY A 174 14.87 22.43 2.24
C GLY A 174 15.91 22.92 1.27
N LEU A 175 15.50 23.87 0.46
CA LEU A 175 16.34 24.42 -0.60
C LEU A 175 17.38 25.39 -0.01
N SER A 176 18.35 25.74 -0.84
CA SER A 176 19.45 26.58 -0.48
C SER A 176 19.68 27.60 -1.59
N PRO A 177 20.01 28.85 -1.26
CA PRO A 177 20.43 29.77 -2.31
C PRO A 177 21.72 29.35 -2.98
N ASP A 178 22.46 28.43 -2.38
CA ASP A 178 23.70 27.92 -2.94
C ASP A 178 23.51 26.64 -3.75
N LEU A 179 22.28 26.19 -3.98
CA LEU A 179 22.04 24.99 -4.76
C LEU A 179 21.67 25.34 -6.20
N GLN A 180 22.67 25.33 -7.06
CA GLN A 180 22.45 25.57 -8.49
CA GLN A 180 22.49 25.58 -8.49
C GLN A 180 22.53 24.30 -9.33
N SER A 181 23.30 23.31 -8.89
CA SER A 181 23.44 22.06 -9.62
C SER A 181 23.45 20.90 -8.65
N MET A 182 22.87 19.77 -9.05
CA MET A 182 22.90 18.58 -8.21
C MET A 182 24.34 18.11 -8.01
N GLU A 183 25.24 18.45 -8.92
CA GLU A 183 26.63 18.09 -8.75
C GLU A 183 27.22 18.71 -7.48
N GLN A 184 26.71 19.87 -7.06
CA GLN A 184 27.22 20.46 -5.82
C GLN A 184 26.93 19.59 -4.60
N ILE A 185 25.83 18.84 -4.62
CA ILE A 185 25.57 17.87 -3.56
C ILE A 185 26.50 16.67 -3.69
N ARG A 186 26.63 16.15 -4.93
CA ARG A 186 27.44 14.95 -5.17
C ARG A 186 28.90 15.16 -4.79
N ARG A 187 29.38 16.39 -4.84
CA ARG A 187 30.78 16.70 -4.59
C ARG A 187 31.11 16.72 -3.10
N ILE A 188 30.09 16.73 -2.21
CA ILE A 188 30.35 16.80 -0.79
C ILE A 188 30.95 15.49 -0.33
N MET A 189 32.07 15.56 0.39
CA MET A 189 32.82 14.39 0.79
C MET A 189 32.54 14.03 2.26
N ARG A 190 32.49 12.73 2.54
CA ARG A 190 32.20 12.22 3.88
C ARG A 190 33.39 11.41 4.40
N PRO A 191 33.57 11.33 5.73
CA PRO A 191 32.69 11.94 6.74
C PRO A 191 32.78 13.45 6.79
N THR A 192 31.65 14.07 7.15
CA THR A 192 31.61 15.52 7.32
C THR A 192 30.67 15.88 8.46
N ASP A 193 30.96 17.02 9.09
CA ASP A 193 30.03 17.68 10.00
C ASP A 193 29.01 18.46 9.17
N VAL A 194 28.00 18.98 9.86
CA VAL A 194 27.05 19.92 9.29
C VAL A 194 27.48 21.32 9.69
N PRO A 195 27.71 22.22 8.75
CA PRO A 195 28.24 23.55 9.09
C PRO A 195 27.12 24.45 9.59
N ASP A 196 27.52 25.62 10.11
CA ASP A 196 26.53 26.57 10.59
C ASP A 196 25.94 27.41 9.47
N GLN A 197 26.45 27.29 8.25
CA GLN A 197 25.88 27.95 7.09
C GLN A 197 26.40 27.28 5.84
N GLY A 198 25.73 27.56 4.72
CA GLY A 198 26.11 27.00 3.43
C GLY A 198 25.14 25.92 3.00
N LEU A 199 25.42 25.40 1.80
CA LEU A 199 24.56 24.41 1.14
C LEU A 199 24.17 23.25 2.06
N LEU A 200 25.14 22.64 2.72
CA LEU A 200 24.84 21.47 3.54
C LEU A 200 23.99 21.86 4.75
N CYS A 201 24.25 23.01 5.34
CA CYS A 201 23.38 23.51 6.38
C CYS A 201 21.95 23.66 5.88
N ASP A 202 21.78 24.35 4.76
CA ASP A 202 20.45 24.66 4.26
C ASP A 202 19.65 23.40 3.94
N LEU A 203 20.28 22.40 3.32
CA LEU A 203 19.56 21.17 3.01
C LEU A 203 18.97 20.50 4.24
N LEU A 204 19.59 20.72 5.41
CA LEU A 204 19.17 20.13 6.66
C LEU A 204 18.39 21.08 7.55
N TRP A 205 18.29 22.36 7.21
CA TRP A 205 17.75 23.36 8.12
C TRP A 205 16.68 24.30 7.55
N SER A 206 16.61 24.52 6.24
CA SER A 206 15.73 25.59 5.73
C SER A 206 14.27 25.18 5.82
N ASP A 207 13.38 26.18 5.78
CA ASP A 207 11.92 26.02 5.83
C ASP A 207 11.23 26.83 4.74
N PRO A 208 10.13 26.31 4.20
CA PRO A 208 9.28 27.13 3.34
C PRO A 208 8.50 28.16 4.14
N ASP A 209 8.13 29.26 3.48
CA ASP A 209 7.34 30.33 4.12
C ASP A 209 6.52 30.98 3.04
N LYS A 210 5.20 30.97 3.20
CA LYS A 210 4.32 31.52 2.17
C LYS A 210 4.43 33.03 2.04
N ASP A 211 5.01 33.72 3.01
CA ASP A 211 5.06 35.17 2.96
C ASP A 211 6.42 35.71 2.58
N VAL A 212 7.36 34.88 2.24
CA VAL A 212 8.66 35.37 1.81
CA VAL A 212 8.69 35.31 1.81
C VAL A 212 8.70 35.33 0.29
N GLN A 213 9.17 36.42 -0.28
CA GLN A 213 9.45 36.47 -1.71
C GLN A 213 10.95 36.25 -1.82
N GLY A 214 11.31 35.08 -2.30
CA GLY A 214 12.71 34.72 -2.45
C GLY A 214 13.21 33.99 -1.22
N TRP A 215 14.31 34.49 -0.68
CA TRP A 215 14.98 33.94 0.48
C TRP A 215 14.79 34.93 1.61
N GLY A 216 14.52 34.40 2.80
CA GLY A 216 14.38 35.20 3.99
C GLY A 216 15.18 34.64 5.15
N GLU A 217 15.22 35.41 6.23
CA GLU A 217 15.82 34.98 7.47
C GLU A 217 14.96 33.89 8.09
N ASN A 218 15.57 33.02 8.88
CA ASN A 218 14.86 31.93 9.52
C ASN A 218 14.94 32.16 11.02
N ASP A 219 13.78 32.17 11.68
CA ASP A 219 13.78 32.47 13.11
C ASP A 219 14.37 31.36 13.98
N ARG A 220 14.77 30.24 13.39
CA ARG A 220 15.61 29.29 14.11
C ARG A 220 16.98 29.87 14.42
N GLY A 221 17.39 30.94 13.73
CA GLY A 221 18.71 31.50 13.89
C GLY A 221 19.76 30.85 13.03
N VAL A 222 19.32 29.96 12.14
CA VAL A 222 20.15 29.14 11.28
C VAL A 222 19.47 29.16 9.91
N SER A 223 20.24 29.28 8.83
CA SER A 223 19.73 29.05 7.47
C SER A 223 18.68 30.06 7.05
N PHE A 224 17.74 29.66 6.20
CA PHE A 224 16.86 30.57 5.50
C PHE A 224 15.45 30.03 5.48
N THR A 225 14.52 30.92 5.16
CA THR A 225 13.22 30.56 4.62
C THR A 225 13.23 30.81 3.12
N PHE A 226 12.33 30.12 2.42
CA PHE A 226 12.19 30.26 0.98
C PHE A 226 10.72 30.27 0.59
N GLY A 227 10.41 31.05 -0.45
CA GLY A 227 9.05 31.20 -0.89
C GLY A 227 8.63 30.21 -1.96
N ALA A 228 7.36 30.32 -2.34
CA ALA A 228 6.77 29.41 -3.31
C ALA A 228 7.41 29.58 -4.68
N GLU A 229 7.75 30.82 -5.06
CA GLU A 229 8.36 31.04 -6.36
C GLU A 229 9.73 30.37 -6.45
N VAL A 230 10.48 30.32 -5.35
CA VAL A 230 11.74 29.58 -5.32
C VAL A 230 11.51 28.11 -5.64
N VAL A 231 10.49 27.51 -5.02
CA VAL A 231 10.15 26.12 -5.29
C VAL A 231 9.79 25.95 -6.77
N ALA A 232 8.92 26.81 -7.30
CA ALA A 232 8.49 26.63 -8.68
C ALA A 232 9.66 26.73 -9.64
N LYS A 233 10.55 27.71 -9.43
CA LYS A 233 11.70 27.86 -10.32
C LYS A 233 12.63 26.67 -10.22
N PHE A 234 12.80 26.13 -9.02
CA PHE A 234 13.68 25.00 -8.81
C PHE A 234 13.15 23.76 -9.54
N LEU A 235 11.87 23.44 -9.36
CA LEU A 235 11.28 22.30 -10.03
C LEU A 235 11.40 22.43 -11.53
N HIS A 236 11.14 23.63 -12.05
CA HIS A 236 11.20 23.83 -13.49
C HIS A 236 12.63 23.65 -14.01
N LYS A 237 13.60 24.25 -13.33
CA LYS A 237 14.99 24.15 -13.79
C LYS A 237 15.48 22.71 -13.84
N HIS A 238 15.15 21.92 -12.83
CA HIS A 238 15.63 20.55 -12.70
C HIS A 238 14.65 19.50 -13.25
N ASP A 239 13.53 19.92 -13.83
CA ASP A 239 12.49 19.02 -14.36
C ASP A 239 12.03 18.01 -13.30
N LEU A 240 11.76 18.53 -12.10
CA LEU A 240 11.26 17.76 -10.97
C LEU A 240 9.80 18.14 -10.73
N ASP A 241 9.07 17.27 -10.03
CA ASP A 241 7.65 17.52 -9.81
C ASP A 241 7.30 17.85 -8.36
N LEU A 242 8.17 17.51 -7.40
CA LEU A 242 7.83 17.63 -5.99
C LEU A 242 9.11 17.74 -5.17
N ILE A 243 9.11 18.63 -4.17
CA ILE A 243 10.07 18.60 -3.07
C ILE A 243 9.39 17.92 -1.88
N CYS A 244 10.03 16.90 -1.34
CA CYS A 244 9.54 16.16 -0.19
C CYS A 244 10.54 16.34 0.95
N ARG A 245 10.09 16.98 2.03
CA ARG A 245 10.97 17.33 3.13
C ARG A 245 10.24 17.08 4.43
N ALA A 246 10.91 17.40 5.54
CA ALA A 246 10.41 17.08 6.88
C ALA A 246 10.60 18.28 7.80
N HIS A 247 11.09 18.11 9.03
CA HIS A 247 11.74 19.20 9.78
C HIS A 247 10.73 20.15 10.45
N GLN A 248 9.43 20.02 10.22
CA GLN A 248 8.44 20.83 10.91
C GLN A 248 7.22 20.00 11.27
N VAL A 249 6.76 20.15 12.52
CA VAL A 249 5.52 19.50 12.94
C VAL A 249 4.35 20.06 12.15
N VAL A 250 3.55 19.18 11.57
CA VAL A 250 2.35 19.55 10.81
C VAL A 250 1.19 18.71 11.32
N GLU A 251 0.01 19.33 11.42
CA GLU A 251 -1.11 18.76 12.18
C GLU A 251 -1.53 17.39 11.67
N ASP A 252 -1.58 17.21 10.35
CA ASP A 252 -2.03 15.95 9.76
C ASP A 252 -0.88 14.99 9.48
N GLY A 253 0.34 15.33 9.86
CA GLY A 253 1.51 14.54 9.52
C GLY A 253 2.07 14.80 8.15
N TYR A 254 1.29 15.39 7.26
CA TYR A 254 1.78 15.88 5.98
C TYR A 254 1.10 17.22 5.72
N GLU A 255 1.77 18.08 4.95
CA GLU A 255 1.19 19.37 4.62
C GLU A 255 1.81 19.88 3.35
N PHE A 256 0.98 20.33 2.43
CA PHE A 256 1.43 20.85 1.15
C PHE A 256 1.77 22.33 1.24
N PHE A 257 2.65 22.74 0.31
CA PHE A 257 3.12 24.12 0.15
C PHE A 257 3.21 24.38 -1.35
N ALA A 258 2.93 25.62 -1.76
CA ALA A 258 3.11 26.06 -3.14
C ALA A 258 2.34 25.18 -4.13
N LYS A 259 1.02 25.14 -3.94
CA LYS A 259 0.11 24.37 -4.81
C LYS A 259 0.65 22.95 -5.06
N ARG A 260 0.95 22.27 -3.97
CA ARG A 260 1.39 20.88 -3.89
C ARG A 260 2.72 20.62 -4.57
N GLN A 261 3.51 21.65 -4.80
CA GLN A 261 4.86 21.48 -5.32
C GLN A 261 5.86 21.09 -4.25
N LEU A 262 5.52 21.24 -2.99
CA LEU A 262 6.34 20.79 -1.88
C LEU A 262 5.41 20.15 -0.86
N VAL A 263 5.91 19.11 -0.19
CA VAL A 263 5.21 18.50 0.92
C VAL A 263 6.16 18.37 2.11
N THR A 264 5.62 18.61 3.30
CA THR A 264 6.31 18.38 4.55
C THR A 264 5.71 17.12 5.17
N LEU A 265 6.59 16.19 5.56
CA LEU A 265 6.21 14.99 6.27
C LEU A 265 6.77 15.00 7.70
N PHE A 266 5.96 14.53 8.64
CA PHE A 266 6.37 14.44 10.03
C PHE A 266 5.76 13.17 10.59
N SER A 267 6.60 12.27 11.11
CA SER A 267 6.15 10.92 11.38
C SER A 267 6.01 10.55 12.85
N ALA A 268 6.20 11.49 13.76
CA ALA A 268 6.10 11.29 15.20
C ALA A 268 4.77 11.85 15.70
N PRO A 269 3.75 11.02 15.91
CA PRO A 269 2.46 11.54 16.36
C PRO A 269 2.58 12.12 17.76
N ASN A 270 1.68 13.07 18.07
CA ASN A 270 1.60 13.61 19.42
C ASN A 270 2.99 14.01 19.91
N TYR A 271 3.69 14.77 19.08
CA TYR A 271 5.13 14.98 19.25
C TYR A 271 5.47 15.43 20.66
N CYS A 272 6.36 14.66 21.30
CA CYS A 272 6.86 14.77 22.67
CA CYS A 272 6.84 14.97 22.63
C CYS A 272 5.74 15.07 23.68
N GLY A 273 4.54 14.60 23.38
CA GLY A 273 3.44 14.78 24.31
C GLY A 273 2.98 16.21 24.47
N GLU A 274 3.41 17.11 23.59
CA GLU A 274 3.07 18.52 23.68
C GLU A 274 2.26 19.02 22.50
N PHE A 275 2.09 18.22 21.47
CA PHE A 275 1.37 18.59 20.26
C PHE A 275 0.37 17.51 19.95
N ASP A 276 -0.70 17.88 19.28
CA ASP A 276 -1.78 16.96 18.95
C ASP A 276 -1.77 16.58 17.48
N ASN A 277 -0.58 16.44 16.90
CA ASN A 277 -0.43 16.16 15.49
C ASN A 277 -0.49 14.66 15.23
N ALA A 278 -0.85 14.33 13.99
CA ALA A 278 -0.69 12.98 13.48
C ALA A 278 0.71 12.81 12.91
N GLY A 279 1.11 11.56 12.75
CA GLY A 279 2.32 11.22 12.01
C GLY A 279 1.93 10.58 10.69
N ALA A 280 2.64 10.95 9.61
CA ALA A 280 2.28 10.46 8.30
C ALA A 280 3.51 9.90 7.58
N MET A 281 3.21 9.07 6.60
CA MET A 281 4.18 8.69 5.58
C MET A 281 3.52 8.81 4.22
N MET A 282 4.34 9.05 3.21
CA MET A 282 3.90 9.15 1.82
C MET A 282 4.35 7.93 1.05
N SER A 283 3.40 7.21 0.50
CA SER A 283 3.67 6.00 -0.26
C SER A 283 3.62 6.35 -1.74
N VAL A 284 4.69 6.05 -2.46
CA VAL A 284 4.83 6.35 -3.88
C VAL A 284 4.77 5.03 -4.63
N ASP A 285 3.76 4.83 -5.47
CA ASP A 285 3.68 3.59 -6.23
C ASP A 285 4.47 3.70 -7.55
N GLU A 286 4.54 2.58 -8.28
CA GLU A 286 5.36 2.51 -9.49
C GLU A 286 4.88 3.45 -10.59
N THR A 287 3.63 3.90 -10.52
CA THR A 287 3.09 4.86 -11.48
C THR A 287 3.30 6.30 -11.03
N LEU A 288 3.99 6.50 -9.90
CA LEU A 288 4.24 7.80 -9.30
C LEU A 288 2.98 8.46 -8.76
N MET A 289 1.99 7.63 -8.43
CA MET A 289 0.85 8.06 -7.64
CA MET A 289 0.85 8.07 -7.64
C MET A 289 1.28 8.07 -6.17
N CYS A 290 1.12 9.22 -5.51
CA CYS A 290 1.54 9.43 -4.14
C CYS A 290 0.33 9.48 -3.23
N SER A 291 0.39 8.74 -2.13
CA SER A 291 -0.71 8.65 -1.19
C SER A 291 -0.16 8.78 0.22
N PHE A 292 -1.04 9.06 1.16
CA PHE A 292 -0.66 9.29 2.55
C PHE A 292 -1.32 8.28 3.47
N GLN A 293 -0.53 7.80 4.43
CA GLN A 293 -1.01 6.92 5.50
C GLN A 293 -0.66 7.60 6.81
N ILE A 294 -1.69 7.91 7.58
CA ILE A 294 -1.48 8.67 8.81
C ILE A 294 -1.89 7.88 10.05
N LEU A 295 -1.15 8.12 11.14
CA LEU A 295 -1.42 7.58 12.46
C LEU A 295 -1.77 8.77 13.33
N LYS A 296 -3.02 8.82 13.73
CA LYS A 296 -3.62 9.97 14.37
C LYS A 296 -3.92 9.65 15.81
N PRO A 297 -3.54 10.49 16.75
CA PRO A 297 -3.95 10.25 18.13
C PRO A 297 -5.46 10.26 18.22
N ALA A 298 -5.98 9.34 19.05
CA ALA A 298 -7.37 9.61 19.35
C ALA A 298 -7.90 10.40 20.52
N LYS A 325 7.32 26.33 16.58
CA LYS A 325 8.48 27.09 17.04
C LYS A 325 8.94 26.61 18.41
N SER A 326 8.02 26.42 19.36
CA SER A 326 8.38 25.61 20.53
C SER A 326 8.89 24.26 20.05
N SER A 327 8.27 23.74 19.00
CA SER A 327 8.72 22.49 18.45
C SER A 327 9.89 22.65 17.49
N GLU A 328 10.23 23.86 17.05
CA GLU A 328 11.36 24.02 16.15
C GLU A 328 12.68 24.14 16.92
N THR A 329 13.64 23.30 16.57
CA THR A 329 14.98 23.43 17.12
C THR A 329 15.67 24.63 16.50
N GLY A 330 16.32 25.42 17.34
CA GLY A 330 16.98 26.64 16.92
C GLY A 330 18.47 26.69 17.20
N ASN A 331 18.98 27.83 17.72
CA ASN A 331 20.40 28.13 17.89
CA ASN A 331 20.40 28.12 17.89
C ASN A 331 20.76 28.31 19.36
N LEU A 332 20.24 27.43 20.22
CA LEU A 332 20.34 27.62 21.67
C LEU A 332 21.78 27.73 22.17
N LEU A 333 22.64 26.80 21.77
CA LEU A 333 23.97 26.72 22.37
C LEU A 333 24.82 27.92 22.01
N ASP A 334 24.52 28.58 20.88
CA ASP A 334 25.40 29.60 20.36
C ASP A 334 24.85 31.00 20.39
N LYS A 335 23.56 31.17 20.67
CA LYS A 335 23.00 32.52 20.63
C LYS A 335 23.45 33.35 21.84
N ASP A 336 23.37 34.68 21.67
CA ASP A 336 23.60 35.70 22.71
C ASP A 336 24.33 36.94 22.13
N ARG B 6 5.04 22.53 -18.85
CA ARG B 6 5.87 21.36 -18.60
C ARG B 6 5.01 20.18 -18.16
N LYS B 7 5.29 19.00 -18.73
CA LYS B 7 4.54 17.81 -18.37
C LYS B 7 4.90 17.38 -16.94
N ILE B 8 3.88 17.05 -16.15
CA ILE B 8 4.04 16.62 -14.76
C ILE B 8 3.61 15.16 -14.70
N LEU B 9 4.46 14.32 -14.08
CA LEU B 9 4.18 12.89 -13.97
C LEU B 9 3.51 12.53 -12.65
N ILE B 10 3.91 13.18 -11.56
CA ILE B 10 3.39 12.85 -10.24
C ILE B 10 1.89 13.10 -10.18
N ARG B 11 1.20 12.25 -9.41
CA ARG B 11 -0.18 12.52 -9.06
C ARG B 11 -0.38 12.16 -7.60
N PHE B 12 -1.44 12.71 -6.98
CA PHE B 12 -1.79 12.46 -5.59
C PHE B 12 -3.14 11.77 -5.50
N SER B 13 -3.21 10.77 -4.63
CA SER B 13 -4.47 10.11 -4.33
C SER B 13 -5.38 11.11 -3.66
N ASP B 14 -6.69 10.93 -3.84
CA ASP B 14 -7.65 11.77 -3.15
C ASP B 14 -8.18 11.17 -1.86
N TYR B 15 -7.59 10.08 -1.40
CA TYR B 15 -8.08 9.39 -0.22
C TYR B 15 -6.87 9.10 0.66
N VAL B 16 -6.94 9.55 1.89
CA VAL B 16 -5.91 9.33 2.89
CA VAL B 16 -5.90 9.31 2.88
C VAL B 16 -6.35 8.19 3.79
N GLU B 17 -5.41 7.30 4.11
CA GLU B 17 -5.66 6.23 5.08
CA GLU B 17 -5.67 6.24 5.08
C GLU B 17 -5.31 6.75 6.47
N VAL B 18 -6.20 6.48 7.44
CA VAL B 18 -5.99 6.90 8.82
C VAL B 18 -6.13 5.68 9.72
N ALA B 19 -5.29 5.62 10.75
CA ALA B 19 -5.44 4.64 11.83
C ALA B 19 -5.01 5.31 13.13
N ASP B 20 -5.36 4.68 14.24
CA ASP B 20 -5.09 5.25 15.56
C ASP B 20 -3.62 5.10 15.92
N ALA B 21 -3.01 6.20 16.33
CA ALA B 21 -1.68 6.16 16.91
C ALA B 21 -1.74 5.44 18.25
N GLN B 22 -0.58 4.93 18.67
CA GLN B 22 -0.44 4.35 20.00
C GLN B 22 -0.91 5.34 21.06
N ASP B 23 -1.53 4.82 22.10
CA ASP B 23 -1.97 5.67 23.20
C ASP B 23 -0.99 5.46 24.36
N TYR B 24 -0.06 6.40 24.53
CA TYR B 24 0.90 6.31 25.62
C TYR B 24 1.48 7.71 25.89
N ASP B 25 2.23 7.82 26.98
CA ASP B 25 2.73 9.12 27.45
C ASP B 25 4.05 9.38 26.75
N ARG B 26 4.07 10.35 25.84
CA ARG B 26 5.26 10.66 25.05
C ARG B 26 6.12 11.75 25.65
N ARG B 27 5.74 12.31 26.79
CA ARG B 27 6.54 13.39 27.37
C ARG B 27 7.93 12.88 27.72
N ALA B 28 8.92 13.71 27.43
CA ALA B 28 10.32 13.35 27.58
C ALA B 28 11.04 14.45 28.35
N ASP B 29 12.17 14.07 28.93
CA ASP B 29 13.01 15.03 29.64
C ASP B 29 13.59 16.03 28.67
N LYS B 30 13.84 17.24 29.15
CA LYS B 30 14.38 18.31 28.33
C LYS B 30 15.68 18.77 28.97
N PRO B 31 16.77 18.02 28.80
CA PRO B 31 18.01 18.35 29.53
C PRO B 31 18.58 19.70 29.17
N TRP B 32 18.24 20.23 28.00
CA TRP B 32 18.77 21.52 27.56
C TRP B 32 18.17 22.69 28.32
N THR B 33 17.12 22.45 29.10
CA THR B 33 16.59 23.47 30.01
C THR B 33 17.36 23.54 31.32
N ARG B 34 18.29 22.62 31.57
CA ARG B 34 19.02 22.60 32.82
C ARG B 34 20.50 22.90 32.60
N LEU B 35 20.79 23.92 31.81
CA LEU B 35 22.15 24.30 31.48
C LEU B 35 22.41 25.68 32.05
N THR B 36 23.38 25.80 32.94
CA THR B 36 23.83 27.11 33.34
C THR B 36 24.73 27.68 32.26
N ALA B 37 25.02 28.98 32.38
CA ALA B 37 25.96 29.62 31.46
C ALA B 37 27.29 28.88 31.46
N ALA B 38 27.75 28.46 32.64
CA ALA B 38 29.00 27.73 32.74
C ALA B 38 28.90 26.38 32.07
N ASP B 39 27.78 25.69 32.25
CA ASP B 39 27.58 24.42 31.56
C ASP B 39 27.68 24.60 30.05
N LYS B 40 27.06 25.65 29.53
CA LYS B 40 27.11 25.86 28.08
C LYS B 40 28.52 26.14 27.60
N ALA B 41 29.26 26.97 28.34
CA ALA B 41 30.64 27.21 27.96
C ALA B 41 31.43 25.91 27.95
N ALA B 42 31.21 25.07 28.94
CA ALA B 42 31.95 23.81 29.00
C ALA B 42 31.57 22.88 27.85
N ILE B 43 30.30 22.88 27.44
CA ILE B 43 29.88 22.04 26.32
C ILE B 43 30.49 22.54 25.01
N ARG B 44 30.52 23.86 24.82
CA ARG B 44 31.19 24.42 23.64
C ARG B 44 32.65 24.00 23.60
N LYS B 45 33.33 24.10 24.74
CA LYS B 45 34.73 23.67 24.79
C LYS B 45 34.86 22.17 24.51
N GLU B 46 33.99 21.35 25.12
CA GLU B 46 34.02 19.90 24.92
C GLU B 46 33.85 19.55 23.43
N LEU B 47 32.87 20.16 22.79
CA LEU B 47 32.64 19.94 21.37
C LEU B 47 33.84 20.36 20.55
N ASN B 48 34.38 21.56 20.82
CA ASN B 48 35.54 22.01 20.07
C ASN B 48 36.70 21.02 20.18
N GLU B 49 37.01 20.56 21.40
CA GLU B 49 38.12 19.64 21.59
C GLU B 49 37.83 18.31 20.89
N PHE B 50 36.59 17.83 20.98
CA PHE B 50 36.22 16.58 20.31
C PHE B 50 36.40 16.70 18.80
N LYS B 51 35.92 17.79 18.22
CA LYS B 51 36.01 17.93 16.77
C LYS B 51 37.43 18.26 16.32
N SER B 52 38.25 18.88 17.19
CA SER B 52 39.61 19.19 16.82
C SER B 52 40.53 17.97 16.93
N THR B 53 40.25 17.06 17.83
CA THR B 53 41.21 16.01 18.14
C THR B 53 40.73 14.60 17.81
N GLU B 54 39.43 14.37 17.80
CA GLU B 54 38.94 13.01 17.71
C GLU B 54 38.08 12.72 16.50
N MET B 55 37.22 13.65 16.09
CA MET B 55 36.21 13.37 15.09
C MET B 55 36.81 13.36 13.69
N GLU B 56 36.74 12.21 13.01
CA GLU B 56 37.29 12.09 11.68
C GLU B 56 36.45 12.86 10.67
N VAL B 57 37.10 13.65 9.84
CA VAL B 57 36.48 14.45 8.80
C VAL B 57 37.33 14.36 7.54
N HIS B 58 36.69 14.10 6.42
CA HIS B 58 37.40 14.04 5.15
C HIS B 58 38.18 15.32 4.90
N GLU B 59 39.36 15.19 4.30
CA GLU B 59 40.17 16.37 4.03
C GLU B 59 39.41 17.47 3.30
N LEU B 60 38.56 17.11 2.34
CA LEU B 60 37.86 18.10 1.53
C LEU B 60 36.67 18.70 2.26
N SER B 61 36.41 18.31 3.51
CA SER B 61 35.27 18.81 4.27
C SER B 61 35.66 19.46 5.59
N ARG B 62 36.96 19.68 5.81
CA ARG B 62 37.39 20.26 7.08
C ARG B 62 36.84 21.66 7.29
N HIS B 63 36.53 22.37 6.21
CA HIS B 63 36.00 23.72 6.30
C HIS B 63 34.56 23.72 6.74
N LEU B 64 33.90 22.57 6.75
CA LEU B 64 32.51 22.47 7.18
C LEU B 64 32.38 22.17 8.67
N THR B 65 33.45 21.81 9.36
CA THR B 65 33.33 21.44 10.77
C THR B 65 32.92 22.64 11.58
N ARG B 66 31.94 22.44 12.43
CA ARG B 66 31.26 23.52 13.13
C ARG B 66 31.86 23.67 14.52
N PHE B 67 32.73 24.66 14.66
CA PHE B 67 33.29 25.03 15.95
C PHE B 67 32.45 26.11 16.62
N HIS B 68 32.61 26.19 17.93
CA HIS B 68 31.82 27.10 18.76
C HIS B 68 32.72 28.13 19.41
N ARG B 69 32.18 29.32 19.62
CA ARG B 69 32.93 30.35 20.34
C ARG B 69 32.74 30.12 21.83
N PRO B 70 33.81 29.82 22.58
CA PRO B 70 33.63 29.46 23.99
C PRO B 70 32.91 30.51 24.79
N GLY C 4 -10.56 12.82 1.20
CA GLY C 4 -11.42 12.00 2.03
C GLY C 4 -10.57 11.08 2.87
N SER C 5 -10.92 10.93 4.13
CA SER C 5 -10.16 10.08 5.04
C SER C 5 -10.83 8.71 5.08
N LEU C 6 -10.02 7.69 5.17
CA LEU C 6 -10.52 6.32 5.19
C LEU C 6 -9.91 5.64 6.40
N ASN C 7 -10.72 5.33 7.40
CA ASN C 7 -10.27 4.68 8.62
C ASN C 7 -10.33 3.18 8.36
N LEU C 8 -9.35 2.73 7.56
CA LEU C 8 -9.37 1.40 6.95
C LEU C 8 -9.29 0.30 8.02
N ASP C 9 -8.38 0.44 8.98
CA ASP C 9 -8.26 -0.58 10.03
C ASP C 9 -9.55 -0.66 10.84
N SER C 10 -10.19 0.48 11.10
CA SER C 10 -11.45 0.47 11.81
C SER C 10 -12.53 -0.28 11.02
N ILE C 11 -12.62 0.01 9.72
CA ILE C 11 -13.60 -0.66 8.86
C ILE C 11 -13.38 -2.18 8.87
N ILE C 12 -12.13 -2.61 8.69
CA ILE C 12 -11.80 -4.04 8.72
C ILE C 12 -12.20 -4.64 10.07
N GLY C 13 -11.88 -3.95 11.16
CA GLY C 13 -12.23 -4.46 12.47
C GLY C 13 -13.72 -4.66 12.61
N ARG C 14 -14.50 -3.71 12.13
CA ARG C 14 -15.95 -3.87 12.23
C ARG C 14 -16.43 -5.03 11.37
N LEU C 15 -15.86 -5.19 10.18
CA LEU C 15 -16.26 -6.29 9.32
C LEU C 15 -15.92 -7.62 9.94
N LEU C 16 -14.78 -7.72 10.63
CA LEU C 16 -14.35 -8.97 11.22
C LEU C 16 -15.04 -9.27 12.55
N GLU C 17 -15.52 -8.24 13.26
CA GLU C 17 -16.06 -8.41 14.61
C GLU C 17 -17.30 -9.29 14.64
N VAL C 18 -18.05 -9.35 13.54
CA VAL C 18 -19.31 -10.10 13.49
C VAL C 18 -19.09 -11.59 13.37
N GLN C 19 -17.85 -12.03 13.19
CA GLN C 19 -17.58 -13.45 13.04
C GLN C 19 -18.24 -14.30 14.12
N GLY C 20 -18.19 -13.84 15.35
CA GLY C 20 -18.71 -14.70 16.40
C GLY C 20 -20.21 -14.75 16.55
N SER C 21 -20.97 -14.03 15.73
CA SER C 21 -22.42 -13.97 15.89
CA SER C 21 -22.41 -13.97 15.88
C SER C 21 -23.09 -14.86 14.85
N ARG C 22 -24.41 -14.85 14.89
CA ARG C 22 -25.21 -15.71 14.02
C ARG C 22 -25.10 -15.20 12.60
N PRO C 23 -24.88 -16.07 11.62
CA PRO C 23 -24.72 -15.60 10.24
C PRO C 23 -25.86 -14.68 9.85
N GLY C 24 -25.53 -13.67 9.05
CA GLY C 24 -26.50 -12.69 8.61
C GLY C 24 -26.45 -11.35 9.32
N LYS C 25 -25.65 -11.19 10.37
CA LYS C 25 -25.55 -9.90 11.04
C LYS C 25 -24.89 -8.87 10.12
N ASN C 26 -25.53 -7.71 9.95
CA ASN C 26 -24.98 -6.66 9.13
C ASN C 26 -23.96 -5.86 9.91
N VAL C 27 -23.06 -5.22 9.17
CA VAL C 27 -21.96 -4.44 9.72
C VAL C 27 -22.21 -2.95 9.52
N GLN C 28 -21.88 -2.17 10.54
CA GLN C 28 -22.02 -0.72 10.51
C GLN C 28 -20.93 -0.13 9.62
N LEU C 29 -21.36 0.46 8.51
CA LEU C 29 -20.51 1.12 7.53
C LEU C 29 -21.22 2.38 7.09
N THR C 30 -20.53 3.53 7.10
CA THR C 30 -21.18 4.74 6.63
C THR C 30 -21.15 4.81 5.10
N GLU C 31 -22.03 5.63 4.56
CA GLU C 31 -22.10 5.80 3.12
C GLU C 31 -20.78 6.34 2.57
N ASN C 32 -20.20 7.32 3.26
CA ASN C 32 -18.91 7.84 2.85
C ASN C 32 -17.81 6.79 2.95
N GLU C 33 -17.82 5.94 3.99
CA GLU C 33 -16.85 4.87 4.09
C GLU C 33 -16.93 3.95 2.89
N ILE C 34 -18.15 3.55 2.51
CA ILE C 34 -18.28 2.63 1.38
C ILE C 34 -17.79 3.31 0.11
N ARG C 35 -18.16 4.57 -0.09
CA ARG C 35 -17.65 5.28 -1.25
C ARG C 35 -16.13 5.35 -1.24
N GLY C 36 -15.53 5.59 -0.07
CA GLY C 36 -14.09 5.60 0.01
C GLY C 36 -13.47 4.27 -0.35
N LEU C 37 -14.05 3.17 0.14
CA LEU C 37 -13.53 1.86 -0.25
C LEU C 37 -13.60 1.69 -1.77
N CYS C 38 -14.71 2.12 -2.36
CA CYS C 38 -14.87 2.00 -3.81
C CYS C 38 -13.82 2.82 -4.56
N LEU C 39 -13.65 4.07 -4.17
CA LEU C 39 -12.86 4.97 -5.00
C LEU C 39 -11.37 4.84 -4.72
N LYS C 40 -10.99 4.48 -3.50
CA LYS C 40 -9.59 4.21 -3.22
C LYS C 40 -9.16 2.88 -3.84
N SER C 41 -10.00 1.85 -3.76
CA SER C 41 -9.64 0.61 -4.43
C SER C 41 -9.55 0.82 -5.94
N ARG C 42 -10.46 1.61 -6.49
CA ARG C 42 -10.43 1.94 -7.91
C ARG C 42 -9.07 2.51 -8.32
N GLU C 43 -8.50 3.40 -7.50
CA GLU C 43 -7.18 3.96 -7.80
C GLU C 43 -6.14 2.86 -7.88
N ILE C 44 -6.19 1.92 -6.94
CA ILE C 44 -5.23 0.83 -6.94
C ILE C 44 -5.42 -0.05 -8.17
N PHE C 45 -6.67 -0.41 -8.48
CA PHE C 45 -6.91 -1.23 -9.67
C PHE C 45 -6.34 -0.56 -10.91
N LEU C 46 -6.52 0.75 -11.05
CA LEU C 46 -6.02 1.45 -12.25
C LEU C 46 -4.50 1.53 -12.28
N SER C 47 -3.89 1.55 -11.09
CA SER C 47 -2.43 1.59 -10.98
CA SER C 47 -2.44 1.60 -11.00
C SER C 47 -1.80 0.28 -11.38
N GLN C 48 -2.45 -0.80 -11.11
CA GLN C 48 -1.93 -2.12 -11.42
C GLN C 48 -2.41 -2.57 -12.79
N PRO C 49 -1.73 -3.53 -13.40
CA PRO C 49 -2.09 -3.92 -14.76
C PRO C 49 -3.46 -4.61 -14.83
N ILE C 50 -4.07 -4.52 -16.01
CA ILE C 50 -5.35 -5.17 -16.25
C ILE C 50 -5.16 -6.69 -16.39
N LEU C 51 -3.98 -7.13 -16.85
CA LEU C 51 -3.53 -8.52 -16.86
C LEU C 51 -2.48 -8.61 -15.75
N LEU C 52 -2.89 -9.13 -14.59
CA LEU C 52 -1.99 -9.25 -13.44
C LEU C 52 -0.95 -10.33 -13.71
N GLU C 53 0.28 -10.07 -13.32
CA GLU C 53 1.36 -11.05 -13.34
C GLU C 53 1.76 -11.29 -11.89
N LEU C 54 1.37 -12.46 -11.39
CA LEU C 54 1.47 -12.80 -9.97
C LEU C 54 2.45 -13.93 -9.77
N GLU C 55 2.97 -14.00 -8.55
CA GLU C 55 3.89 -15.05 -8.16
CA GLU C 55 3.89 -15.05 -8.16
C GLU C 55 3.33 -15.80 -6.96
N ALA C 56 3.44 -17.12 -7.00
CA ALA C 56 3.11 -17.95 -5.85
C ALA C 56 4.11 -17.69 -4.73
N PRO C 57 3.75 -17.99 -3.47
CA PRO C 57 2.52 -18.67 -3.06
C PRO C 57 1.28 -17.78 -3.04
N LEU C 58 0.15 -18.39 -3.36
CA LEU C 58 -1.11 -17.67 -3.49
C LEU C 58 -2.21 -18.68 -3.30
N LYS C 59 -3.35 -18.23 -2.76
CA LYS C 59 -4.56 -19.03 -2.69
C LYS C 59 -5.59 -18.41 -3.61
N ILE C 60 -6.20 -19.23 -4.46
CA ILE C 60 -7.14 -18.77 -5.48
C ILE C 60 -8.54 -19.23 -5.12
N CYS C 61 -9.51 -18.31 -5.20
CA CYS C 61 -10.89 -18.56 -4.83
C CYS C 61 -11.82 -18.20 -5.96
N GLY C 62 -12.91 -18.96 -6.10
CA GLY C 62 -13.97 -18.70 -7.04
C GLY C 62 -15.13 -17.95 -6.42
N ASP C 63 -16.32 -18.16 -6.98
CA ASP C 63 -17.43 -17.25 -6.74
C ASP C 63 -17.82 -17.22 -5.26
N ILE C 64 -18.26 -16.05 -4.80
CA ILE C 64 -18.68 -15.84 -3.42
C ILE C 64 -20.15 -15.42 -3.33
N HIS C 65 -20.62 -14.57 -4.26
CA HIS C 65 -22.06 -14.24 -4.37
C HIS C 65 -22.67 -13.82 -3.02
N GLY C 66 -22.03 -12.87 -2.34
CA GLY C 66 -22.61 -12.27 -1.16
C GLY C 66 -22.75 -13.18 0.03
N GLN C 67 -22.11 -14.33 0.02
CA GLN C 67 -22.17 -15.24 1.16
C GLN C 67 -21.10 -14.85 2.17
N TYR C 68 -21.36 -13.73 2.85
CA TYR C 68 -20.36 -13.07 3.68
C TYR C 68 -19.83 -13.99 4.78
N TYR C 69 -20.70 -14.72 5.47
CA TYR C 69 -20.21 -15.55 6.55
C TYR C 69 -19.40 -16.72 6.03
N ASP C 70 -19.62 -17.14 4.79
CA ASP C 70 -18.74 -18.13 4.21
C ASP C 70 -17.38 -17.53 3.82
N LEU C 71 -17.37 -16.27 3.37
CA LEU C 71 -16.11 -15.60 3.13
C LEU C 71 -15.28 -15.51 4.40
N LEU C 72 -15.91 -15.15 5.53
CA LEU C 72 -15.18 -15.10 6.79
C LEU C 72 -14.61 -16.48 7.15
N ARG C 73 -15.38 -17.55 6.93
CA ARG C 73 -14.87 -18.88 7.23
C ARG C 73 -13.74 -19.27 6.29
N LEU C 74 -13.84 -18.88 5.02
CA LEU C 74 -12.77 -19.14 4.05
C LEU C 74 -11.47 -18.49 4.49
N PHE C 75 -11.53 -17.24 4.97
CA PHE C 75 -10.33 -16.59 5.49
C PHE C 75 -9.83 -17.24 6.78
N GLU C 76 -10.73 -17.64 7.68
CA GLU C 76 -10.29 -18.35 8.87
C GLU C 76 -9.58 -19.65 8.50
N TYR C 77 -10.11 -20.35 7.51
CA TYR C 77 -9.54 -21.62 7.07
C TYR C 77 -8.23 -21.43 6.34
N GLY C 78 -8.19 -20.47 5.40
CA GLY C 78 -7.02 -20.26 4.56
C GLY C 78 -5.98 -19.37 5.16
N GLY C 79 -6.33 -18.60 6.19
CA GLY C 79 -5.46 -17.63 6.82
C GLY C 79 -5.92 -16.23 6.50
N PHE C 80 -6.20 -15.41 7.51
CA PHE C 80 -6.63 -14.06 7.22
C PHE C 80 -5.49 -13.28 6.59
N PRO C 81 -5.77 -12.45 5.59
CA PRO C 81 -4.73 -11.57 5.08
C PRO C 81 -4.09 -10.80 6.23
N PRO C 82 -2.77 -10.62 6.23
CA PRO C 82 -1.82 -10.95 5.17
C PRO C 82 -1.08 -12.28 5.38
N GLU C 83 -1.62 -13.16 6.22
CA GLU C 83 -0.96 -14.43 6.49
C GLU C 83 -0.94 -15.34 5.27
N SER C 84 -1.91 -15.18 4.38
CA SER C 84 -1.91 -15.82 3.08
C SER C 84 -2.15 -14.75 2.04
N ASN C 85 -1.68 -15.00 0.81
CA ASN C 85 -1.93 -14.13 -0.34
C ASN C 85 -3.12 -14.70 -1.11
N TYR C 86 -3.97 -13.81 -1.63
CA TYR C 86 -5.19 -14.25 -2.27
C TYR C 86 -5.38 -13.67 -3.66
N LEU C 87 -5.96 -14.49 -4.55
CA LEU C 87 -6.53 -14.06 -5.82
C LEU C 87 -7.95 -14.58 -5.90
N PHE C 88 -8.92 -13.69 -6.05
CA PHE C 88 -10.31 -14.06 -6.26
C PHE C 88 -10.66 -13.85 -7.73
N LEU C 89 -11.57 -14.70 -8.23
CA LEU C 89 -11.89 -14.79 -9.66
C LEU C 89 -13.20 -14.11 -10.04
N GLY C 90 -13.81 -13.31 -9.14
CA GLY C 90 -14.99 -12.53 -9.46
C GLY C 90 -16.26 -13.09 -8.87
N ASP C 91 -17.38 -12.47 -9.24
CA ASP C 91 -18.71 -12.86 -8.76
C ASP C 91 -18.77 -12.74 -7.23
N TYR C 92 -18.48 -11.51 -6.77
CA TYR C 92 -18.51 -11.15 -5.36
C TYR C 92 -19.92 -10.83 -4.90
N VAL C 93 -20.74 -10.28 -5.79
CA VAL C 93 -22.04 -9.73 -5.45
C VAL C 93 -23.10 -10.54 -6.19
N ASP C 94 -24.37 -10.24 -5.87
CA ASP C 94 -25.57 -10.84 -6.42
C ASP C 94 -25.82 -12.24 -5.86
N ARG C 95 -27.08 -12.62 -5.87
CA ARG C 95 -27.51 -14.00 -5.60
C ARG C 95 -27.06 -14.48 -4.24
N GLY C 96 -27.03 -13.59 -3.27
CA GLY C 96 -26.75 -13.97 -1.90
C GLY C 96 -27.22 -12.84 -1.03
N LYS C 97 -27.07 -13.06 0.28
CA LYS C 97 -27.73 -12.22 1.26
C LYS C 97 -26.98 -10.94 1.61
N GLN C 98 -25.65 -10.97 1.56
CA GLN C 98 -24.83 -9.88 2.06
C GLN C 98 -23.72 -9.56 1.06
N SER C 99 -24.15 -9.13 -0.12
CA SER C 99 -23.19 -8.62 -1.09
C SER C 99 -22.39 -7.44 -0.54
N LEU C 100 -23.03 -6.56 0.22
CA LEU C 100 -22.35 -5.33 0.65
C LEU C 100 -21.17 -5.65 1.55
N GLU C 101 -21.40 -6.45 2.59
CA GLU C 101 -20.30 -6.80 3.49
C GLU C 101 -19.21 -7.56 2.76
N THR C 102 -19.61 -8.44 1.84
CA THR C 102 -18.67 -9.24 1.06
C THR C 102 -17.74 -8.34 0.27
N ILE C 103 -18.32 -7.47 -0.57
CA ILE C 103 -17.47 -6.63 -1.41
C ILE C 103 -16.69 -5.63 -0.57
N CYS C 104 -17.28 -5.11 0.52
CA CYS C 104 -16.55 -4.13 1.33
C CYS C 104 -15.31 -4.76 1.97
N LEU C 105 -15.41 -6.00 2.47
CA LEU C 105 -14.24 -6.63 3.06
C LEU C 105 -13.18 -6.89 2.01
N LEU C 106 -13.59 -7.36 0.83
CA LEU C 106 -12.64 -7.61 -0.24
C LEU C 106 -11.94 -6.32 -0.69
N LEU C 107 -12.70 -5.24 -0.88
CA LEU C 107 -12.08 -3.97 -1.26
C LEU C 107 -11.18 -3.43 -0.16
N ALA C 108 -11.61 -3.58 1.09
CA ALA C 108 -10.77 -3.12 2.21
C ALA C 108 -9.44 -3.87 2.22
N TYR C 109 -9.47 -5.18 2.02
CA TYR C 109 -8.21 -5.92 1.97
C TYR C 109 -7.37 -5.55 0.76
N LYS C 110 -7.98 -5.22 -0.37
CA LYS C 110 -7.19 -4.78 -1.51
C LYS C 110 -6.44 -3.50 -1.16
N ILE C 111 -7.10 -2.57 -0.47
CA ILE C 111 -6.46 -1.32 -0.09
C ILE C 111 -5.41 -1.57 0.98
N LYS C 112 -5.71 -2.47 1.92
CA LYS C 112 -4.80 -2.75 3.03
C LYS C 112 -3.54 -3.47 2.57
N TYR C 113 -3.67 -4.45 1.67
CA TYR C 113 -2.56 -5.32 1.26
C TYR C 113 -2.50 -5.35 -0.26
N PRO C 114 -2.21 -4.21 -0.90
CA PRO C 114 -2.40 -4.12 -2.35
C PRO C 114 -1.47 -4.99 -3.16
N GLU C 115 -0.36 -5.44 -2.57
CA GLU C 115 0.57 -6.30 -3.28
C GLU C 115 0.42 -7.77 -2.94
N ASN C 116 -0.55 -8.12 -2.08
CA ASN C 116 -0.72 -9.49 -1.61
C ASN C 116 -2.17 -9.95 -1.71
N PHE C 117 -3.02 -9.18 -2.36
CA PHE C 117 -4.45 -9.45 -2.36
C PHE C 117 -4.99 -8.92 -3.67
N PHE C 118 -5.65 -9.78 -4.45
CA PHE C 118 -6.04 -9.48 -5.82
C PHE C 118 -7.45 -9.95 -6.09
N LEU C 119 -8.18 -9.16 -6.90
CA LEU C 119 -9.56 -9.38 -7.26
C LEU C 119 -9.69 -9.20 -8.76
N LEU C 120 -10.18 -10.24 -9.44
CA LEU C 120 -10.56 -10.12 -10.85
C LEU C 120 -12.04 -9.76 -11.00
N ARG C 121 -12.37 -9.32 -12.19
CA ARG C 121 -13.74 -8.99 -12.52
C ARG C 121 -14.50 -10.24 -12.97
N GLY C 122 -15.64 -10.49 -12.35
CA GLY C 122 -16.57 -11.47 -12.85
C GLY C 122 -17.69 -10.84 -13.65
N ASN C 123 -18.54 -11.70 -14.24
CA ASN C 123 -19.64 -11.13 -15.02
C ASN C 123 -20.68 -10.42 -14.14
N HIS C 124 -20.72 -10.68 -12.84
CA HIS C 124 -21.63 -9.94 -11.97
C HIS C 124 -21.07 -8.59 -11.54
N GLU C 125 -19.80 -8.30 -11.81
CA GLU C 125 -19.24 -6.98 -11.56
C GLU C 125 -19.43 -6.06 -12.76
N CYS C 126 -20.68 -5.96 -13.19
CA CYS C 126 -21.04 -4.99 -14.20
C CYS C 126 -22.49 -4.56 -13.99
N ALA C 127 -22.78 -3.37 -14.50
CA ALA C 127 -24.05 -2.73 -14.16
C ALA C 127 -25.25 -3.52 -14.65
N SER C 128 -25.20 -4.02 -15.88
CA SER C 128 -26.41 -4.63 -16.43
C SER C 128 -26.76 -5.92 -15.71
N ILE C 129 -25.78 -6.65 -15.20
CA ILE C 129 -26.06 -7.91 -14.54
C ILE C 129 -26.46 -7.68 -13.09
N ASN C 130 -25.66 -6.88 -12.36
CA ASN C 130 -25.95 -6.70 -10.94
C ASN C 130 -27.09 -5.70 -10.70
N ARG C 131 -27.59 -5.06 -11.76
CA ARG C 131 -28.89 -4.36 -11.69
C ARG C 131 -30.00 -5.33 -11.35
N ILE C 132 -29.95 -6.54 -11.88
CA ILE C 132 -31.10 -7.42 -11.72
C ILE C 132 -30.88 -8.63 -10.81
N TYR C 133 -29.65 -9.05 -10.56
CA TYR C 133 -29.42 -10.26 -9.78
C TYR C 133 -29.20 -10.01 -8.29
N GLY C 134 -29.48 -8.79 -7.81
CA GLY C 134 -29.66 -8.58 -6.40
C GLY C 134 -28.92 -7.38 -5.84
N PHE C 135 -27.75 -7.04 -6.41
CA PHE C 135 -26.88 -6.05 -5.75
C PHE C 135 -27.49 -4.65 -5.76
N TYR C 136 -28.09 -4.24 -6.88
CA TYR C 136 -28.75 -2.94 -6.92
C TYR C 136 -29.80 -2.86 -5.83
N ASP C 137 -30.57 -3.93 -5.67
CA ASP C 137 -31.60 -3.92 -4.64
C ASP C 137 -31.00 -3.83 -3.25
N GLU C 138 -29.92 -4.58 -3.01
CA GLU C 138 -29.28 -4.53 -1.70
C GLU C 138 -28.74 -3.13 -1.44
N CYS C 139 -28.13 -2.49 -2.45
CA CYS C 139 -27.62 -1.14 -2.27
C CYS C 139 -28.73 -0.17 -1.93
N LYS C 140 -29.86 -0.29 -2.61
CA LYS C 140 -30.97 0.60 -2.32
C LYS C 140 -31.52 0.38 -0.91
N ARG C 141 -31.53 -0.87 -0.41
CA ARG C 141 -32.04 -1.11 0.94
C ARG C 141 -31.14 -0.48 2.01
N ARG C 142 -29.81 -0.62 1.87
N ARG C 142 -29.87 -0.70 1.89
CA ARG C 142 -28.88 -0.07 2.86
CA ARG C 142 -28.96 -0.30 2.94
C ARG C 142 -28.81 1.46 2.78
C ARG C 142 -28.64 1.17 2.78
N TYR C 143 -28.44 1.98 1.60
N TYR C 143 -28.74 1.68 1.55
CA TYR C 143 -28.38 3.42 1.35
CA TYR C 143 -28.28 3.03 1.23
C TYR C 143 -29.30 3.71 0.17
C TYR C 143 -29.20 3.67 0.20
N ASN C 144 -28.79 3.69 -1.06
CA ASN C 144 -29.56 4.25 -2.17
C ASN C 144 -28.92 3.81 -3.48
N ILE C 145 -29.59 4.17 -4.58
CA ILE C 145 -29.14 3.80 -5.93
C ILE C 145 -27.81 4.45 -6.26
N LYS C 146 -27.55 5.66 -5.74
CA LYS C 146 -26.28 6.32 -6.03
C LYS C 146 -25.11 5.49 -5.55
N LEU C 147 -25.28 4.74 -4.47
CA LEU C 147 -24.20 3.89 -3.98
C LEU C 147 -23.89 2.80 -4.98
N TRP C 148 -24.92 2.21 -5.58
CA TRP C 148 -24.75 1.24 -6.66
C TRP C 148 -23.99 1.84 -7.83
N LYS C 149 -24.27 3.10 -8.19
CA LYS C 149 -23.51 3.75 -9.25
C LYS C 149 -22.03 3.91 -8.88
N THR C 150 -21.73 4.20 -7.62
CA THR C 150 -20.33 4.27 -7.19
C THR C 150 -19.64 2.92 -7.29
N PHE C 151 -20.32 1.85 -6.87
CA PHE C 151 -19.75 0.50 -7.03
C PHE C 151 -19.46 0.23 -8.49
N THR C 152 -20.33 0.67 -9.38
CA THR C 152 -20.15 0.43 -10.81
C THR C 152 -18.85 1.06 -11.29
N ASP C 153 -18.54 2.27 -10.81
CA ASP C 153 -17.30 2.92 -11.23
C ASP C 153 -16.08 2.11 -10.76
N CYS C 154 -16.16 1.55 -9.55
CA CYS C 154 -15.10 0.69 -9.05
C CYS C 154 -14.98 -0.58 -9.89
N PHE C 155 -16.10 -1.28 -10.11
CA PHE C 155 -16.09 -2.54 -10.83
C PHE C 155 -15.61 -2.37 -12.27
N ASN C 156 -15.88 -1.20 -12.86
CA ASN C 156 -15.46 -0.94 -14.22
C ASN C 156 -13.95 -0.85 -14.35
N CYS C 157 -13.23 -0.81 -13.23
CA CYS C 157 -11.78 -0.75 -13.24
C CYS C 157 -11.11 -2.02 -12.75
N LEU C 158 -11.86 -3.07 -12.43
CA LEU C 158 -11.22 -4.29 -11.97
C LEU C 158 -10.36 -4.90 -13.08
N PRO C 159 -9.25 -5.55 -12.73
CA PRO C 159 -8.49 -6.30 -13.75
C PRO C 159 -9.30 -7.50 -14.21
N ILE C 160 -8.91 -8.04 -15.38
CA ILE C 160 -9.70 -9.02 -16.11
C ILE C 160 -9.11 -10.42 -16.08
N ALA C 161 -7.79 -10.56 -15.93
CA ALA C 161 -7.15 -11.86 -15.94
C ALA C 161 -5.86 -11.75 -15.14
N ALA C 162 -5.32 -12.92 -14.81
CA ALA C 162 -4.03 -12.99 -14.14
C ALA C 162 -3.27 -14.18 -14.65
N ILE C 163 -1.95 -14.09 -14.65
CA ILE C 163 -1.09 -15.23 -14.95
C ILE C 163 -0.19 -15.43 -13.74
N VAL C 164 -0.23 -16.63 -13.17
CA VAL C 164 0.57 -16.95 -11.99
C VAL C 164 1.81 -17.71 -12.46
N ASP C 165 2.98 -17.13 -12.18
CA ASP C 165 4.29 -17.73 -12.48
C ASP C 165 4.41 -18.20 -13.91
N GLU C 166 3.86 -17.42 -14.84
CA GLU C 166 3.92 -17.72 -16.27
C GLU C 166 3.29 -19.06 -16.63
N LYS C 167 2.46 -19.63 -15.75
CA LYS C 167 1.98 -20.98 -16.01
C LYS C 167 0.48 -21.20 -15.77
N ILE C 168 -0.16 -20.40 -14.93
CA ILE C 168 -1.59 -20.57 -14.65
C ILE C 168 -2.29 -19.33 -15.16
N PHE C 169 -3.16 -19.50 -16.16
CA PHE C 169 -3.99 -18.40 -16.66
C PHE C 169 -5.32 -18.43 -15.93
N CYS C 170 -5.68 -17.28 -15.33
CA CYS C 170 -6.85 -17.15 -14.47
C CYS C 170 -7.80 -16.10 -15.00
N CYS C 171 -9.09 -16.44 -15.04
CA CYS C 171 -10.13 -15.49 -15.41
C CYS C 171 -11.45 -16.04 -14.88
N HIS C 172 -12.48 -15.21 -14.88
CA HIS C 172 -13.74 -15.66 -14.30
C HIS C 172 -14.41 -16.75 -15.17
N GLY C 173 -14.58 -16.47 -16.45
CA GLY C 173 -15.35 -17.29 -17.36
C GLY C 173 -14.46 -18.24 -18.12
N GLY C 174 -13.85 -17.80 -19.21
CA GLY C 174 -12.99 -18.72 -19.90
C GLY C 174 -12.36 -18.16 -21.14
N LEU C 175 -12.10 -19.05 -22.08
CA LEU C 175 -11.37 -18.68 -23.27
C LEU C 175 -12.26 -17.99 -24.29
N SER C 176 -11.61 -17.41 -25.32
CA SER C 176 -12.28 -16.65 -26.35
C SER C 176 -11.72 -17.05 -27.71
N PRO C 177 -12.58 -17.15 -28.72
CA PRO C 177 -12.03 -17.31 -30.09
C PRO C 177 -11.24 -16.10 -30.55
N ASP C 178 -11.37 -14.97 -29.85
CA ASP C 178 -10.67 -13.73 -30.18
C ASP C 178 -9.53 -13.40 -29.24
N LEU C 179 -9.02 -14.40 -28.54
CA LEU C 179 -7.80 -14.27 -27.75
C LEU C 179 -6.70 -15.05 -28.46
N GLN C 180 -5.83 -14.31 -29.14
CA GLN C 180 -4.66 -14.82 -29.82
CA GLN C 180 -4.66 -14.90 -29.75
C GLN C 180 -3.36 -14.42 -29.13
N SER C 181 -3.33 -13.24 -28.48
CA SER C 181 -2.14 -12.72 -27.83
C SER C 181 -2.54 -12.09 -26.52
N MET C 182 -1.69 -12.24 -25.49
CA MET C 182 -2.00 -11.58 -24.23
C MET C 182 -2.02 -10.08 -24.38
N GLU C 183 -1.40 -9.55 -25.44
CA GLU C 183 -1.47 -8.11 -25.70
C GLU C 183 -2.89 -7.66 -25.93
N GLN C 184 -3.79 -8.54 -26.39
CA GLN C 184 -5.16 -8.13 -26.57
C GLN C 184 -5.88 -7.92 -25.24
N ILE C 185 -5.39 -8.53 -24.16
CA ILE C 185 -5.91 -8.21 -22.83
C ILE C 185 -5.26 -6.93 -22.32
N ARG C 186 -3.94 -6.84 -22.44
CA ARG C 186 -3.20 -5.72 -21.86
C ARG C 186 -3.63 -4.38 -22.44
N ARG C 187 -4.10 -4.36 -23.69
CA ARG C 187 -4.45 -3.13 -24.37
C ARG C 187 -5.78 -2.56 -23.90
N ILE C 188 -6.59 -3.32 -23.17
CA ILE C 188 -7.92 -2.84 -22.80
C ILE C 188 -7.78 -1.73 -21.78
N MET C 189 -8.52 -0.66 -21.99
CA MET C 189 -8.47 0.54 -21.16
C MET C 189 -9.67 0.61 -20.21
N ARG C 190 -9.42 1.15 -19.01
CA ARG C 190 -10.42 1.22 -17.95
C ARG C 190 -10.57 2.66 -17.52
N PRO C 191 -11.75 3.07 -17.04
CA PRO C 191 -12.91 2.23 -16.81
C PRO C 191 -13.56 1.75 -18.10
N THR C 192 -14.15 0.56 -18.04
CA THR C 192 -14.88 0.02 -19.18
C THR C 192 -16.07 -0.79 -18.69
N ASP C 193 -17.11 -0.84 -19.52
CA ASP C 193 -18.19 -1.79 -19.33
C ASP C 193 -17.76 -3.15 -19.85
N VAL C 194 -18.58 -4.17 -19.58
CA VAL C 194 -18.42 -5.49 -20.15
C VAL C 194 -19.36 -5.57 -21.36
N PRO C 195 -18.85 -5.81 -22.55
CA PRO C 195 -19.70 -5.85 -23.73
C PRO C 195 -20.46 -7.15 -23.82
N ASP C 196 -21.36 -7.21 -24.80
CA ASP C 196 -22.11 -8.42 -25.04
C ASP C 196 -21.47 -9.32 -26.09
N GLN C 197 -20.24 -9.01 -26.49
CA GLN C 197 -19.55 -9.69 -27.58
C GLN C 197 -18.06 -9.41 -27.42
N GLY C 198 -17.24 -10.31 -27.96
CA GLY C 198 -15.82 -10.07 -28.04
C GLY C 198 -15.08 -10.62 -26.83
N LEU C 199 -13.77 -10.39 -26.87
CA LEU C 199 -12.83 -10.96 -25.92
C LEU C 199 -13.23 -10.70 -24.46
N LEU C 200 -13.52 -9.45 -24.13
CA LEU C 200 -13.82 -9.12 -22.74
C LEU C 200 -15.11 -9.77 -22.25
N CYS C 201 -16.11 -9.91 -23.13
CA CYS C 201 -17.28 -10.71 -22.79
C CYS C 201 -16.87 -12.15 -22.50
N ASP C 202 -16.11 -12.75 -23.42
CA ASP C 202 -15.81 -14.18 -23.30
C ASP C 202 -15.00 -14.49 -22.05
N LEU C 203 -14.04 -13.63 -21.72
CA LEU C 203 -13.23 -13.86 -20.54
C LEU C 203 -14.06 -13.93 -19.26
N LEU C 204 -15.23 -13.28 -19.25
CA LEU C 204 -16.10 -13.22 -18.09
C LEU C 204 -17.30 -14.16 -18.19
N TRP C 205 -17.52 -14.80 -19.35
CA TRP C 205 -18.77 -15.50 -19.59
C TRP C 205 -18.65 -16.92 -20.14
N SER C 206 -17.56 -17.29 -20.80
CA SER C 206 -17.56 -18.56 -21.51
C SER C 206 -17.41 -19.74 -20.56
N ASP C 207 -17.80 -20.93 -21.03
CA ASP C 207 -17.74 -22.16 -20.23
C ASP C 207 -17.12 -23.30 -21.02
N PRO C 208 -16.40 -24.20 -20.34
CA PRO C 208 -15.95 -25.44 -20.98
C PRO C 208 -17.13 -26.38 -21.17
N ASP C 209 -17.06 -27.21 -22.21
CA ASP C 209 -18.12 -28.20 -22.44
C ASP C 209 -17.48 -29.44 -23.06
N LYS C 210 -17.61 -30.59 -22.40
CA LYS C 210 -17.03 -31.83 -22.91
C LYS C 210 -17.69 -32.31 -24.22
N ASP C 211 -18.89 -31.82 -24.56
CA ASP C 211 -19.59 -32.28 -25.75
C ASP C 211 -19.31 -31.44 -27.00
N VAL C 212 -18.48 -30.42 -26.88
CA VAL C 212 -17.97 -29.64 -28.00
C VAL C 212 -16.47 -29.91 -28.04
N GLN C 213 -15.87 -29.99 -29.21
CA GLN C 213 -14.42 -29.92 -29.04
C GLN C 213 -13.79 -28.61 -29.48
N GLY C 214 -14.43 -27.90 -30.41
CA GLY C 214 -14.02 -26.53 -30.71
C GLY C 214 -14.85 -25.53 -29.94
N TRP C 215 -15.53 -24.66 -30.66
CA TRP C 215 -16.38 -23.64 -30.07
C TRP C 215 -17.83 -24.01 -30.34
N GLY C 216 -18.68 -23.68 -29.35
CA GLY C 216 -20.10 -23.94 -29.46
C GLY C 216 -20.91 -22.80 -28.89
N GLU C 217 -22.23 -22.91 -29.08
CA GLU C 217 -23.18 -21.94 -28.53
C GLU C 217 -23.34 -22.17 -27.04
N ASN C 218 -23.48 -21.08 -26.31
CA ASN C 218 -23.63 -21.14 -24.87
C ASN C 218 -25.10 -20.90 -24.51
N ASP C 219 -25.68 -21.85 -23.75
CA ASP C 219 -27.06 -21.79 -23.26
C ASP C 219 -27.39 -20.51 -22.49
N ARG C 220 -26.36 -19.83 -21.98
CA ARG C 220 -26.56 -18.59 -21.26
C ARG C 220 -27.10 -17.49 -22.16
N GLY C 221 -26.97 -17.63 -23.47
CA GLY C 221 -27.41 -16.59 -24.39
C GLY C 221 -26.35 -15.56 -24.67
N VAL C 222 -25.14 -15.81 -24.19
CA VAL C 222 -24.03 -14.89 -24.21
C VAL C 222 -22.81 -15.75 -24.44
N SER C 223 -21.84 -15.28 -25.27
CA SER C 223 -20.55 -15.93 -25.40
C SER C 223 -20.65 -17.34 -25.97
N PHE C 224 -19.69 -18.21 -25.60
CA PHE C 224 -19.49 -19.49 -26.24
C PHE C 224 -19.23 -20.55 -25.20
N THR C 225 -19.33 -21.81 -25.63
CA THR C 225 -18.68 -22.91 -24.94
C THR C 225 -17.40 -23.27 -25.71
N PHE C 226 -16.48 -23.92 -25.01
CA PHE C 226 -15.25 -24.38 -25.65
C PHE C 226 -14.88 -25.77 -25.15
N GLY C 227 -14.28 -26.56 -26.05
CA GLY C 227 -13.92 -27.94 -25.75
C GLY C 227 -12.44 -28.12 -25.40
N ALA C 228 -12.11 -29.40 -25.16
CA ALA C 228 -10.76 -29.78 -24.76
C ALA C 228 -9.72 -29.41 -25.81
N GLU C 229 -10.08 -29.44 -27.09
CA GLU C 229 -9.10 -29.11 -28.13
C GLU C 229 -8.71 -27.64 -28.03
N VAL C 230 -9.68 -26.77 -27.75
CA VAL C 230 -9.38 -25.36 -27.57
C VAL C 230 -8.45 -25.16 -26.39
N VAL C 231 -8.71 -25.87 -25.28
CA VAL C 231 -7.85 -25.74 -24.10
C VAL C 231 -6.43 -26.14 -24.42
N ALA C 232 -6.26 -27.29 -25.09
CA ALA C 232 -4.92 -27.75 -25.42
C ALA C 232 -4.23 -26.75 -26.31
N LYS C 233 -4.93 -26.25 -27.34
CA LYS C 233 -4.32 -25.31 -28.27
C LYS C 233 -3.84 -24.08 -27.53
N PHE C 234 -4.69 -23.53 -26.67
CA PHE C 234 -4.35 -22.33 -25.92
C PHE C 234 -3.14 -22.54 -25.03
N LEU C 235 -3.13 -23.64 -24.27
CA LEU C 235 -2.02 -23.87 -23.34
C LEU C 235 -0.70 -24.01 -24.10
N HIS C 236 -0.71 -24.68 -25.24
CA HIS C 236 0.52 -24.87 -25.99
C HIS C 236 0.99 -23.57 -26.66
N LYS C 237 0.05 -22.79 -27.18
CA LYS C 237 0.43 -21.53 -27.81
C LYS C 237 1.10 -20.59 -26.82
N HIS C 238 0.64 -20.56 -25.58
CA HIS C 238 1.19 -19.62 -24.60
C HIS C 238 2.15 -20.24 -23.61
N ASP C 239 2.51 -21.51 -23.79
CA ASP C 239 3.37 -22.24 -22.87
C ASP C 239 2.85 -22.16 -21.43
N LEU C 240 1.55 -22.40 -21.28
CA LEU C 240 0.91 -22.43 -19.99
C LEU C 240 0.59 -23.87 -19.61
N ASP C 241 0.36 -24.11 -18.32
CA ASP C 241 0.05 -25.45 -17.84
C ASP C 241 -1.39 -25.63 -17.39
N LEU C 242 -2.08 -24.55 -17.04
CA LEU C 242 -3.40 -24.67 -16.45
C LEU C 242 -4.21 -23.40 -16.71
N ILE C 243 -5.49 -23.58 -16.99
CA ILE C 243 -6.49 -22.50 -16.92
C ILE C 243 -7.25 -22.71 -15.62
N CYS C 244 -7.35 -21.64 -14.84
CA CYS C 244 -8.06 -21.63 -13.58
C CYS C 244 -9.16 -20.60 -13.69
N ARG C 245 -10.41 -21.05 -13.60
CA ARG C 245 -11.56 -20.19 -13.82
C ARG C 245 -12.64 -20.56 -12.80
N ALA C 246 -13.78 -19.89 -12.88
CA ALA C 246 -14.84 -20.05 -11.87
C ALA C 246 -16.18 -20.18 -12.58
N HIS C 247 -17.22 -19.45 -12.15
CA HIS C 247 -18.41 -19.18 -13.01
C HIS C 247 -19.38 -20.32 -13.12
N GLN C 248 -19.10 -21.49 -12.52
CA GLN C 248 -20.05 -22.60 -12.50
C GLN C 248 -20.00 -23.33 -11.18
N VAL C 249 -21.18 -23.62 -10.62
CA VAL C 249 -21.27 -24.42 -9.41
C VAL C 249 -20.74 -25.83 -9.67
N VAL C 250 -19.83 -26.28 -8.80
CA VAL C 250 -19.27 -27.63 -8.90
C VAL C 250 -19.29 -28.29 -7.53
N GLU C 251 -19.58 -29.59 -7.53
CA GLU C 251 -20.04 -30.24 -6.30
C GLU C 251 -18.99 -30.20 -5.19
N ASP C 252 -17.72 -30.41 -5.51
CA ASP C 252 -16.64 -30.41 -4.53
C ASP C 252 -15.97 -29.05 -4.37
N GLY C 253 -16.50 -28.00 -5.00
CA GLY C 253 -15.86 -26.71 -4.98
C GLY C 253 -14.77 -26.54 -6.01
N TYR C 254 -14.21 -27.64 -6.50
CA TYR C 254 -13.30 -27.58 -7.63
C TYR C 254 -13.62 -28.75 -8.54
N GLU C 255 -13.37 -28.58 -9.83
CA GLU C 255 -13.62 -29.65 -10.79
C GLU C 255 -12.72 -29.47 -12.00
N PHE C 256 -12.04 -30.53 -12.38
CA PHE C 256 -11.15 -30.52 -13.53
C PHE C 256 -11.90 -30.74 -14.82
N PHE C 257 -11.29 -30.27 -15.90
CA PHE C 257 -11.75 -30.43 -17.26
C PHE C 257 -10.54 -30.70 -18.14
N ALA C 258 -10.73 -31.49 -19.19
CA ALA C 258 -9.70 -31.75 -20.19
C ALA C 258 -8.42 -32.30 -19.54
N LYS C 259 -8.60 -33.39 -18.81
CA LYS C 259 -7.49 -34.07 -18.14
C LYS C 259 -6.60 -33.11 -17.33
N ARG C 260 -7.26 -32.34 -16.49
CA ARG C 260 -6.62 -31.43 -15.54
CA ARG C 260 -6.66 -31.41 -15.54
C ARG C 260 -5.92 -30.24 -16.20
N GLN C 261 -6.19 -29.97 -17.47
CA GLN C 261 -5.66 -28.77 -18.11
C GLN C 261 -6.46 -27.52 -17.74
N LEU C 262 -7.68 -27.68 -17.23
CA LEU C 262 -8.48 -26.59 -16.72
C LEU C 262 -9.08 -27.01 -15.39
N VAL C 263 -9.25 -26.04 -14.49
CA VAL C 263 -9.98 -26.27 -13.26
C VAL C 263 -10.97 -25.14 -13.06
N THR C 264 -12.16 -25.50 -12.59
CA THR C 264 -13.22 -24.57 -12.17
C THR C 264 -13.23 -24.56 -10.65
N LEU C 265 -13.16 -23.36 -10.07
CA LEU C 265 -13.27 -23.15 -8.64
C LEU C 265 -14.56 -22.41 -8.30
N PHE C 266 -15.18 -22.81 -7.20
CA PHE C 266 -16.42 -22.19 -6.74
C PHE C 266 -16.33 -22.15 -5.23
N SER C 267 -16.52 -20.97 -4.64
CA SER C 267 -16.17 -20.80 -3.23
C SER C 267 -17.35 -20.52 -2.34
N ALA C 268 -18.58 -20.65 -2.83
CA ALA C 268 -19.76 -20.39 -2.01
C ALA C 268 -20.43 -21.72 -1.68
N PRO C 269 -20.20 -22.28 -0.48
CA PRO C 269 -20.80 -23.58 -0.15
C PRO C 269 -22.30 -23.47 -0.11
N ASN C 270 -22.99 -24.59 -0.41
CA ASN C 270 -24.44 -24.64 -0.25
C ASN C 270 -25.07 -23.46 -0.95
N TYR C 271 -24.66 -23.26 -2.19
CA TYR C 271 -24.92 -22.00 -2.89
C TYR C 271 -26.37 -21.58 -2.80
N CYS C 272 -26.57 -20.36 -2.25
CA CYS C 272 -27.86 -19.68 -2.03
C CYS C 272 -28.90 -20.57 -1.37
N GLY C 273 -28.45 -21.56 -0.62
CA GLY C 273 -29.36 -22.48 0.05
C GLY C 273 -30.05 -23.47 -0.86
N GLU C 274 -29.69 -23.52 -2.14
CA GLU C 274 -30.35 -24.36 -3.11
C GLU C 274 -29.51 -25.50 -3.65
N PHE C 275 -28.20 -25.54 -3.38
CA PHE C 275 -27.31 -26.58 -3.85
C PHE C 275 -26.55 -27.15 -2.67
N ASP C 276 -26.06 -28.37 -2.81
CA ASP C 276 -25.32 -29.04 -1.74
C ASP C 276 -23.83 -29.12 -2.03
N ASN C 277 -23.31 -28.11 -2.72
CA ASN C 277 -21.92 -28.11 -3.13
C ASN C 277 -21.01 -27.62 -2.01
N ALA C 278 -19.75 -28.06 -2.07
CA ALA C 278 -18.72 -27.46 -1.24
C ALA C 278 -18.17 -26.21 -1.89
N GLY C 279 -17.49 -25.41 -1.10
CA GLY C 279 -16.68 -24.32 -1.63
C GLY C 279 -15.21 -24.71 -1.51
N ALA C 280 -14.40 -24.32 -2.48
CA ALA C 280 -12.99 -24.67 -2.42
C ALA C 280 -12.10 -23.46 -2.67
N MET C 281 -10.86 -23.58 -2.23
CA MET C 281 -9.79 -22.70 -2.66
CA MET C 281 -9.78 -22.70 -2.63
C MET C 281 -8.63 -23.57 -3.11
N MET C 282 -7.84 -23.04 -4.04
CA MET C 282 -6.69 -23.74 -4.57
C MET C 282 -5.44 -23.00 -4.13
N SER C 283 -4.63 -23.65 -3.30
CA SER C 283 -3.35 -23.12 -2.89
C SER C 283 -2.31 -23.49 -3.94
N VAL C 284 -1.48 -22.52 -4.31
CA VAL C 284 -0.36 -22.72 -5.23
C VAL C 284 0.90 -22.39 -4.44
N ASP C 285 1.80 -23.36 -4.29
CA ASP C 285 3.04 -23.10 -3.57
C ASP C 285 4.12 -22.57 -4.51
N GLU C 286 5.29 -22.28 -3.95
CA GLU C 286 6.37 -21.67 -4.72
C GLU C 286 6.93 -22.60 -5.80
N THR C 287 6.68 -23.90 -5.68
CA THR C 287 7.13 -24.87 -6.67
C THR C 287 6.07 -25.15 -7.72
N LEU C 288 4.92 -24.49 -7.61
CA LEU C 288 3.77 -24.68 -8.51
C LEU C 288 3.03 -25.98 -8.21
N MET C 289 3.17 -26.48 -6.99
CA MET C 289 2.30 -27.55 -6.50
CA MET C 289 2.30 -27.53 -6.51
C MET C 289 0.97 -26.91 -6.11
N CYS C 290 -0.12 -27.45 -6.63
CA CYS C 290 -1.47 -26.98 -6.39
C CYS C 290 -2.22 -27.98 -5.55
N SER C 291 -2.92 -27.49 -4.54
CA SER C 291 -3.67 -28.32 -3.60
C SER C 291 -5.00 -27.64 -3.26
N PHE C 292 -5.99 -28.43 -2.88
CA PHE C 292 -7.33 -27.91 -2.64
C PHE C 292 -7.73 -28.05 -1.19
N GLN C 293 -8.36 -27.00 -0.69
CA GLN C 293 -8.92 -26.96 0.65
C GLN C 293 -10.40 -26.65 0.51
N ILE C 294 -11.24 -27.53 1.04
CA ILE C 294 -12.65 -27.41 0.76
C ILE C 294 -13.42 -27.27 2.06
N LEU C 295 -14.50 -26.50 1.97
CA LEU C 295 -15.45 -26.26 3.04
C LEU C 295 -16.76 -26.90 2.61
N LYS C 296 -17.12 -27.99 3.30
CA LYS C 296 -18.24 -28.84 2.90
C LYS C 296 -19.43 -28.52 3.78
N PRO C 297 -20.62 -28.35 3.25
CA PRO C 297 -21.77 -28.00 4.10
C PRO C 297 -22.29 -29.22 4.85
N ALA C 298 -23.25 -28.94 5.74
CA ALA C 298 -24.11 -29.96 6.34
C ALA C 298 -23.35 -31.18 6.82
N SER C 326 -30.34 -23.79 -13.67
CA SER C 326 -30.90 -22.91 -12.66
C SER C 326 -29.83 -22.00 -12.07
N SER C 327 -28.64 -22.58 -11.81
CA SER C 327 -27.57 -21.84 -11.14
C SER C 327 -26.81 -20.92 -12.07
N GLU C 328 -26.92 -21.12 -13.39
CA GLU C 328 -26.16 -20.32 -14.34
C GLU C 328 -26.93 -19.06 -14.67
N THR C 329 -26.29 -17.90 -14.46
CA THR C 329 -26.82 -16.63 -14.92
C THR C 329 -26.79 -16.51 -16.43
N GLY C 330 -27.90 -16.08 -17.02
CA GLY C 330 -28.02 -16.05 -18.48
C GLY C 330 -28.26 -14.69 -19.10
N ASN C 331 -29.13 -14.62 -20.10
N ASN C 331 -29.13 -14.64 -20.11
CA ASN C 331 -29.43 -13.38 -20.84
CA ASN C 331 -29.46 -13.43 -20.87
C ASN C 331 -30.86 -12.94 -20.58
C ASN C 331 -30.89 -12.98 -20.59
N LEU C 332 -31.29 -13.03 -19.32
CA LEU C 332 -32.69 -12.81 -18.95
C LEU C 332 -33.19 -11.45 -19.43
N LEU C 333 -32.39 -10.42 -19.24
CA LEU C 333 -32.90 -9.08 -19.49
C LEU C 333 -33.18 -8.84 -20.96
N ASP C 334 -32.35 -9.42 -21.85
CA ASP C 334 -32.42 -9.09 -23.27
C ASP C 334 -32.89 -10.25 -24.13
N LYS C 335 -33.15 -11.42 -23.56
CA LYS C 335 -33.65 -12.53 -24.35
C LYS C 335 -34.98 -12.15 -25.01
N ASP C 336 -35.33 -12.90 -26.05
CA ASP C 336 -36.59 -12.64 -26.75
C ASP C 336 -37.78 -12.84 -25.81
N ASP C 337 -38.80 -12.01 -25.98
CA ASP C 337 -39.95 -12.01 -25.06
C ASP C 337 -40.80 -13.26 -25.23
N ARG D 6 6.75 -31.91 -24.12
CA ARG D 6 6.72 -30.63 -23.43
C ARG D 6 6.72 -30.72 -21.89
N LYS D 7 7.62 -29.97 -21.27
CA LYS D 7 7.73 -29.97 -19.81
C LYS D 7 6.56 -29.22 -19.17
N ILE D 8 5.93 -29.85 -18.19
CA ILE D 8 4.87 -29.26 -17.38
C ILE D 8 5.44 -29.03 -15.99
N LEU D 9 5.23 -27.84 -15.45
CA LEU D 9 5.73 -27.53 -14.11
C LEU D 9 4.68 -27.77 -13.02
N ILE D 10 3.41 -27.47 -13.28
CA ILE D 10 2.48 -27.60 -12.17
CA ILE D 10 2.39 -27.60 -12.26
C ILE D 10 2.24 -29.09 -11.87
N ARG D 11 1.89 -29.33 -10.63
CA ARG D 11 1.47 -30.64 -10.17
C ARG D 11 0.29 -30.40 -9.26
N PHE D 12 -0.47 -31.47 -9.01
CA PHE D 12 -1.59 -31.44 -8.07
C PHE D 12 -1.37 -32.42 -6.94
N SER D 13 -1.72 -31.98 -5.74
CA SER D 13 -1.34 -32.71 -4.55
C SER D 13 -2.10 -34.01 -4.40
N ASP D 14 -3.33 -34.00 -4.85
CA ASP D 14 -4.30 -35.01 -4.48
C ASP D 14 -4.42 -35.22 -2.97
N TYR D 15 -3.61 -34.57 -2.11
CA TYR D 15 -3.94 -34.50 -0.69
CA TYR D 15 -3.92 -34.50 -0.68
C TYR D 15 -4.91 -33.35 -0.49
N VAL D 16 -6.10 -33.65 -0.01
CA VAL D 16 -7.15 -32.65 0.05
C VAL D 16 -7.48 -32.39 1.52
N GLU D 17 -7.63 -31.11 1.86
CA GLU D 17 -8.06 -30.74 3.19
C GLU D 17 -9.56 -30.46 3.17
N VAL D 18 -10.28 -31.04 4.12
CA VAL D 18 -11.73 -30.87 4.20
C VAL D 18 -12.08 -30.39 5.58
N ALA D 19 -12.93 -29.37 5.64
CA ALA D 19 -13.50 -28.85 6.88
C ALA D 19 -14.97 -28.51 6.64
N ASP D 20 -15.71 -28.31 7.73
CA ASP D 20 -17.13 -28.03 7.63
C ASP D 20 -17.38 -26.56 7.33
N ALA D 21 -18.24 -26.30 6.36
CA ALA D 21 -18.83 -24.99 6.19
C ALA D 21 -19.80 -24.70 7.35
N GLN D 22 -20.02 -23.42 7.60
CA GLN D 22 -20.96 -23.05 8.64
C GLN D 22 -22.37 -23.51 8.28
N ASP D 23 -23.17 -23.81 9.30
CA ASP D 23 -24.56 -24.24 9.07
C ASP D 23 -25.44 -23.02 9.31
N TYR D 24 -25.91 -22.41 8.24
CA TYR D 24 -26.84 -21.30 8.38
C TYR D 24 -27.71 -21.23 7.14
N ASP D 25 -28.73 -20.38 7.22
CA ASP D 25 -29.72 -20.26 6.15
C ASP D 25 -29.18 -19.28 5.12
N ARG D 26 -28.74 -19.81 4.00
CA ARG D 26 -28.13 -19.00 2.94
C ARG D 26 -29.15 -18.45 1.95
N ARG D 27 -30.45 -18.68 2.16
CA ARG D 27 -31.42 -18.28 1.15
C ARG D 27 -31.48 -16.76 1.03
N ALA D 28 -31.57 -16.29 -0.21
CA ALA D 28 -31.69 -14.88 -0.55
C ALA D 28 -32.81 -14.69 -1.56
N ASP D 29 -33.23 -13.44 -1.72
CA ASP D 29 -34.27 -13.11 -2.68
C ASP D 29 -33.79 -13.40 -4.11
N LYS D 30 -34.75 -13.69 -5.00
CA LYS D 30 -34.52 -13.83 -6.44
C LYS D 30 -35.41 -12.84 -7.18
N PRO D 31 -35.14 -11.53 -7.04
CA PRO D 31 -36.07 -10.53 -7.57
C PRO D 31 -36.25 -10.62 -9.07
N TRP D 32 -35.27 -11.16 -9.79
CA TRP D 32 -35.36 -11.24 -11.24
C TRP D 32 -36.45 -12.20 -11.71
N THR D 33 -36.86 -13.13 -10.86
CA THR D 33 -37.87 -14.08 -11.28
C THR D 33 -39.26 -13.49 -11.28
N ARG D 34 -39.45 -12.28 -10.76
CA ARG D 34 -40.74 -11.63 -10.67
C ARG D 34 -40.87 -10.45 -11.63
N LEU D 35 -39.91 -10.27 -12.52
CA LEU D 35 -39.93 -9.18 -13.46
C LEU D 35 -40.89 -9.50 -14.59
N THR D 36 -41.82 -8.60 -14.85
CA THR D 36 -42.66 -8.66 -16.02
C THR D 36 -41.90 -8.19 -17.26
N ALA D 37 -42.40 -8.59 -18.43
CA ALA D 37 -41.78 -8.10 -19.66
C ALA D 37 -41.75 -6.58 -19.69
N ALA D 38 -42.74 -5.94 -19.04
CA ALA D 38 -42.75 -4.49 -18.93
C ALA D 38 -41.70 -3.98 -17.94
N ASP D 39 -41.53 -4.67 -16.80
CA ASP D 39 -40.45 -4.34 -15.88
C ASP D 39 -39.12 -4.38 -16.62
N LYS D 40 -38.92 -5.40 -17.45
CA LYS D 40 -37.66 -5.54 -18.17
C LYS D 40 -37.47 -4.41 -19.17
N ALA D 41 -38.55 -4.00 -19.86
CA ALA D 41 -38.40 -2.88 -20.79
C ALA D 41 -38.01 -1.60 -20.05
N ALA D 42 -38.56 -1.38 -18.85
CA ALA D 42 -38.20 -0.19 -18.08
C ALA D 42 -36.75 -0.25 -17.58
N ILE D 43 -36.33 -1.43 -17.12
CA ILE D 43 -34.95 -1.58 -16.68
C ILE D 43 -33.96 -1.36 -17.82
N ARG D 44 -34.25 -1.88 -19.02
CA ARG D 44 -33.39 -1.60 -20.17
C ARG D 44 -33.28 -0.10 -20.43
N LYS D 45 -34.40 0.64 -20.33
CA LYS D 45 -34.38 2.09 -20.52
C LYS D 45 -33.54 2.77 -19.45
N GLU D 46 -33.72 2.39 -18.18
CA GLU D 46 -32.91 2.94 -17.08
C GLU D 46 -31.43 2.72 -17.32
N LEU D 47 -31.07 1.50 -17.70
CA LEU D 47 -29.67 1.17 -17.90
C LEU D 47 -29.10 1.97 -19.07
N ASN D 48 -29.85 2.09 -20.15
CA ASN D 48 -29.37 2.86 -21.30
C ASN D 48 -29.14 4.31 -20.93
N GLU D 49 -30.09 4.92 -20.19
CA GLU D 49 -29.93 6.31 -19.76
C GLU D 49 -28.73 6.46 -18.83
N PHE D 50 -28.57 5.51 -17.90
CA PHE D 50 -27.43 5.56 -16.98
C PHE D 50 -26.11 5.50 -17.75
N LYS D 51 -26.01 4.57 -18.70
CA LYS D 51 -24.76 4.43 -19.42
C LYS D 51 -24.52 5.60 -20.38
N SER D 52 -25.58 6.21 -20.90
CA SER D 52 -25.44 7.29 -21.85
C SER D 52 -25.09 8.62 -21.19
N THR D 53 -25.64 8.86 -20.01
CA THR D 53 -25.61 10.17 -19.39
C THR D 53 -24.79 10.24 -18.12
N GLU D 54 -24.40 9.10 -17.54
CA GLU D 54 -23.73 9.12 -16.24
C GLU D 54 -22.45 8.30 -16.16
N MET D 55 -22.47 7.06 -16.65
CA MET D 55 -21.38 6.11 -16.37
C MET D 55 -20.12 6.47 -17.17
N GLU D 56 -19.06 6.84 -16.48
N GLU D 56 -19.07 6.86 -16.46
CA GLU D 56 -17.84 7.26 -17.14
CA GLU D 56 -17.79 7.23 -17.06
C GLU D 56 -17.08 6.04 -17.65
C GLU D 56 -17.13 5.99 -17.66
N VAL D 57 -16.62 6.14 -18.87
CA VAL D 57 -15.89 5.10 -19.58
C VAL D 57 -14.68 5.75 -20.22
N HIS D 58 -13.56 5.02 -20.24
CA HIS D 58 -12.38 5.53 -20.91
C HIS D 58 -12.69 5.79 -22.38
N GLU D 59 -12.15 6.89 -22.92
CA GLU D 59 -12.37 7.21 -24.32
C GLU D 59 -12.07 6.03 -25.24
N LEU D 60 -11.02 5.27 -24.93
CA LEU D 60 -10.64 4.14 -25.77
C LEU D 60 -11.50 2.91 -25.57
N SER D 61 -12.49 2.97 -24.69
CA SER D 61 -13.37 1.83 -24.42
C SER D 61 -14.84 2.12 -24.71
N ARG D 62 -15.13 3.20 -25.44
CA ARG D 62 -16.51 3.58 -25.74
C ARG D 62 -17.26 2.49 -26.50
N HIS D 63 -16.54 1.70 -27.31
CA HIS D 63 -17.17 0.65 -28.12
C HIS D 63 -17.58 -0.56 -27.30
N LEU D 64 -17.14 -0.65 -26.04
CA LEU D 64 -17.44 -1.77 -25.17
C LEU D 64 -18.67 -1.52 -24.30
N THR D 65 -19.24 -0.32 -24.34
CA THR D 65 -20.39 -0.04 -23.52
C THR D 65 -21.60 -0.81 -24.02
N ARG D 66 -22.27 -1.53 -23.11
CA ARG D 66 -23.32 -2.48 -23.45
C ARG D 66 -24.69 -1.81 -23.34
N PHE D 67 -25.21 -1.38 -24.48
CA PHE D 67 -26.56 -0.85 -24.56
C PHE D 67 -27.55 -1.98 -24.81
N HIS D 68 -28.79 -1.73 -24.42
CA HIS D 68 -29.86 -2.70 -24.44
C HIS D 68 -30.92 -2.32 -25.46
N ARG D 69 -31.51 -3.35 -26.06
CA ARG D 69 -32.59 -3.18 -27.02
C ARG D 69 -33.79 -2.53 -26.37
N PRO D 70 -34.62 -1.79 -27.13
CA PRO D 70 -35.85 -1.27 -26.53
C PRO D 70 -36.74 -2.39 -25.99
MN MN E . 14.95 19.00 11.90
MN MN F . 12.70 17.40 13.90
C1 GOL G . 24.15 24.54 12.69
O1 GOL G . 24.68 23.38 12.06
C2 GOL G . 23.93 24.22 14.20
O2 GOL G . 25.15 23.99 14.84
C3 GOL G . 23.10 25.43 14.79
O3 GOL G . 23.97 26.57 14.95
H11 GOL G . 23.31 24.82 12.29
H12 GOL G . 24.75 25.30 12.62
HO1 GOL G . 25.51 23.48 12.03
H2 GOL G . 23.41 23.41 14.31
HO2 GOL G . 25.12 24.35 15.61
H31 GOL G . 22.70 25.15 15.63
H32 GOL G . 22.35 25.61 14.21
HO3 GOL G . 23.62 27.07 15.52
C1 GOL H . 4.14 24.55 8.29
O1 GOL H . 4.61 25.38 9.41
C2 GOL H . 5.32 24.22 7.37
O2 GOL H . 6.09 25.30 7.06
C3 GOL H . 4.82 23.54 6.05
O3 GOL H . 3.64 24.05 5.54
H11 GOL H . 3.75 23.72 8.61
H12 GOL H . 3.45 24.99 7.78
HO1 GOL H . 5.09 24.88 9.90
H2 GOL H . 5.84 23.59 7.89
HO2 GOL H . 6.89 25.05 7.00
H31 GOL H . 5.56 23.63 5.41
H32 GOL H . 4.75 22.59 6.23
P PO4 I . 13.85 20.22 14.26
O1 PO4 I . 13.88 19.46 15.58
O2 PO4 I . 13.05 21.50 14.41
O3 PO4 I . 15.22 20.43 13.69
O4 PO4 I . 13.17 19.27 13.23
MN MN J . -20.28 -15.82 -13.32
MN MN K . -21.33 -16.96 -10.27
C1 GOL L . -2.84 4.07 -5.46
O1 GOL L . -1.49 4.44 -5.31
C2 GOL L . -3.63 4.26 -4.15
O2 GOL L . -3.84 5.59 -3.77
C3 GOL L . -2.90 3.52 -3.00
O3 GOL L . -3.82 3.56 -1.93
H11 GOL L . -2.94 3.16 -5.74
H12 GOL L . -3.28 4.61 -6.15
HO1 GOL L . -1.06 4.04 -5.93
H2 GOL L . -4.49 3.87 -4.32
HO2 GOL L . -4.55 5.86 -4.15
H31 GOL L . -2.05 3.96 -2.81
H32 GOL L . -2.66 2.63 -3.30
HO3 GOL L . -3.63 2.92 -1.41
P PO4 M . -22.86 -16.90 -12.90
O1 PO4 M . -21.53 -17.35 -12.26
O2 PO4 M . -23.56 -18.04 -13.59
O3 PO4 M . -23.77 -16.37 -11.80
O4 PO4 M . -22.50 -15.78 -13.86
#